data_6WDW
#
_entry.id   6WDW
#
_cell.length_a   80.563
_cell.length_b   80.563
_cell.length_c   246.907
_cell.angle_alpha   90.000
_cell.angle_beta   90.000
_cell.angle_gamma   120.000
#
_symmetry.space_group_name_H-M   'P 31 2 1'
#
loop_
_entity.id
_entity.type
_entity.pdbx_description
1 polymer 'Polyamine deacetylase HDAC10'
2 non-polymer 4-({3-[2-(dimethylamino)ethyl]-1H-indol-1-yl}methyl)-N-hydroxybenzamide
3 non-polymer 'ZINC ION'
4 non-polymer 'PHOSPHATE ION'
5 non-polymer 'POTASSIUM ION'
6 water water
#
_entity_poly.entity_id   1
_entity_poly.type   'polypeptide(L)'
_entity_poly.pdbx_seq_one_letter_code
;AASGSALIFDEEMSRYKLLWTDPECEIEVPERLTVSYEALRTHGLAQRCKAVPVRQATEQEILLAHSEEYLEAVKQTPGM
NVEELMAFSKKYNAVYFHQNIYHCAKLAAGATLQLVDSVMKREVRNGMALVRPPGHHSQRSAANGFCVFNNVAFAALYAK
KNYNLNRILIVDWDVHHGQGIQYCFEEDPSVLYFSWHRYEHQSFWPNLPESDYSSVGKGKGSGFNINLPWNKVGMTNSDY
LAAFFHVLLPVAYEFDPELVIVSAGFDSAIGDPEGEMCALPEIFAHLTHLLMPLAAGKMCVVLEGGYNLTSLGQSVCQTV
HSLLGDPTPRISGLGTACDSALESIQNVRNVQSSYWSSFKHLAQSETNPKRPRLDATNGGPKESSEPASESNPKKTAQDI
VWPEPLKRMPASVRTVVVPPPGVELTLPKNCQHSGDISESTAKEVQRIRDKHFHDLTDQNILRSLGNIISVLDRMMRSDE
VCNGCVVVSDLSVSVQCALQHALTEPAERVLVVYVGDGELPVKTNDGKVFLVQICTKETEDKCVNRLTLCLREGESLTAG
FMQALLGLILPVAYEFNPALVLGIVEETAAKTRLMRVWGHMTCLIQGLARGRMLTLLQGYDKDLLELTVSALSGASISPL
GPLRAPKPEDVEMMEKQRQRLQERWGLLRCTVSESW
;
_entity_poly.pdbx_strand_id   A
#
loop_
_chem_comp.id
_chem_comp.type
_chem_comp.name
_chem_comp.formula
K non-polymer 'POTASSIUM ION' 'K 1'
PO4 non-polymer 'PHOSPHATE ION' 'O4 P -3'
TWV non-polymer 4-({3-[2-(dimethylamino)ethyl]-1H-indol-1-yl}methyl)-N-hydroxybenzamide 'C20 H23 N3 O2'
ZN non-polymer 'ZINC ION' 'Zn 2'
#
# COMPACT_ATOMS: atom_id res chain seq x y z
N ALA A 1 -0.85 16.40 12.57
CA ALA A 1 -1.14 16.22 13.99
C ALA A 1 -2.08 15.05 14.25
N ALA A 2 -2.70 14.50 13.19
CA ALA A 2 -3.67 13.43 13.38
C ALA A 2 -3.00 12.13 13.77
N SER A 3 -3.66 11.35 14.63
CA SER A 3 -3.07 10.12 15.08
C SER A 3 -4.18 9.13 15.37
N GLY A 4 -3.82 7.86 15.44
CA GLY A 4 -4.77 6.81 15.69
C GLY A 4 -5.50 6.33 14.45
N SER A 5 -6.09 5.15 14.58
CA SER A 5 -6.81 4.49 13.50
C SER A 5 -8.23 4.22 13.97
N ALA A 6 -9.20 4.55 13.14
CA ALA A 6 -10.58 4.28 13.49
C ALA A 6 -10.96 2.87 13.06
N LEU A 7 -11.83 2.24 13.85
CA LEU A 7 -12.40 0.93 13.53
C LEU A 7 -13.91 1.03 13.77
N ILE A 8 -14.66 1.10 12.69
CA ILE A 8 -16.11 1.26 12.77
C ILE A 8 -16.74 -0.09 12.56
N PHE A 9 -17.60 -0.50 13.48
CA PHE A 9 -18.16 -1.84 13.47
C PHE A 9 -19.43 -1.81 14.31
N ASP A 10 -20.37 -2.70 13.99
CA ASP A 10 -21.55 -2.87 14.82
C ASP A 10 -22.18 -4.22 14.55
N GLU A 11 -22.52 -4.95 15.61
CA GLU A 11 -23.09 -6.28 15.49
C GLU A 11 -24.44 -6.27 14.79
N GLU A 12 -25.09 -5.11 14.68
CA GLU A 12 -26.38 -5.07 14.01
C GLU A 12 -26.28 -5.46 12.53
N MET A 13 -25.17 -5.10 11.86
CA MET A 13 -25.00 -5.46 10.45
C MET A 13 -24.83 -6.96 10.24
N SER A 14 -24.65 -7.74 11.30
CA SER A 14 -24.69 -9.19 11.18
C SER A 14 -26.09 -9.77 11.34
N ARG A 15 -27.11 -8.94 11.51
CA ARG A 15 -28.47 -9.43 11.82
C ARG A 15 -29.41 -9.33 10.62
N TYR A 16 -28.93 -9.80 9.47
CA TYR A 16 -29.76 -10.12 8.33
C TYR A 16 -29.05 -11.25 7.61
N LYS A 17 -29.80 -12.14 6.98
CA LYS A 17 -29.20 -13.30 6.34
C LYS A 17 -30.12 -13.79 5.23
N LEU A 18 -29.63 -14.76 4.46
CA LEU A 18 -30.39 -15.33 3.35
C LEU A 18 -31.42 -16.33 3.87
N LEU A 19 -32.67 -16.16 3.43
CA LEU A 19 -33.81 -16.87 3.99
C LEU A 19 -34.38 -17.95 3.09
N TRP A 20 -33.79 -18.20 1.92
CA TRP A 20 -34.27 -19.24 1.03
C TRP A 20 -33.08 -19.85 0.30
N THR A 21 -33.33 -20.95 -0.39
CA THR A 21 -32.26 -21.64 -1.11
C THR A 21 -31.81 -20.84 -2.33
N ASP A 22 -30.52 -20.60 -2.42
CA ASP A 22 -29.89 -19.87 -3.52
C ASP A 22 -28.39 -20.13 -3.45
N PRO A 23 -27.85 -21.04 -4.27
CA PRO A 23 -26.43 -21.40 -4.13
C PRO A 23 -25.51 -20.25 -4.46
N GLU A 24 -25.94 -19.28 -5.26
CA GLU A 24 -25.12 -18.11 -5.54
C GLU A 24 -24.97 -17.22 -4.31
N CYS A 25 -26.04 -17.09 -3.53
CA CYS A 25 -26.11 -16.09 -2.48
C CYS A 25 -25.66 -16.60 -1.13
N GLU A 26 -25.72 -17.91 -0.91
CA GLU A 26 -25.52 -18.45 0.41
C GLU A 26 -24.11 -18.27 0.92
N ILE A 27 -23.19 -17.78 0.10
CA ILE A 27 -21.84 -17.55 0.57
C ILE A 27 -21.75 -16.30 1.43
N GLU A 28 -22.75 -15.42 1.34
CA GLU A 28 -22.69 -14.11 1.98
C GLU A 28 -23.39 -14.21 3.34
N VAL A 29 -22.63 -14.40 4.40
CA VAL A 29 -23.21 -14.78 5.69
C VAL A 29 -22.84 -13.74 6.73
N PRO A 30 -23.64 -13.63 7.80
CA PRO A 30 -23.26 -12.75 8.91
C PRO A 30 -21.90 -13.04 9.51
N GLU A 31 -21.51 -14.31 9.56
CA GLU A 31 -20.27 -14.68 10.23
C GLU A 31 -19.05 -14.00 9.61
N ARG A 32 -19.13 -13.61 8.33
CA ARG A 32 -18.06 -12.81 7.72
C ARG A 32 -17.70 -11.64 8.61
N LEU A 33 -18.72 -10.95 9.14
CA LEU A 33 -18.46 -9.81 10.00
C LEU A 33 -17.95 -10.23 11.37
N THR A 34 -18.56 -11.27 11.96
CA THR A 34 -18.23 -11.64 13.32
C THR A 34 -16.82 -12.23 13.40
N VAL A 35 -16.45 -12.99 12.37
CA VAL A 35 -15.11 -13.55 12.30
C VAL A 35 -14.05 -12.46 12.12
N SER A 36 -14.36 -11.43 11.35
CA SER A 36 -13.35 -10.39 11.14
C SER A 36 -13.14 -9.54 12.39
N TYR A 37 -14.21 -9.18 13.09
CA TYR A 37 -14.02 -8.40 14.31
C TYR A 37 -13.35 -9.24 15.39
N GLU A 38 -13.80 -10.49 15.57
CA GLU A 38 -13.19 -11.35 16.58
C GLU A 38 -11.71 -11.60 16.31
N ALA A 39 -11.33 -11.73 15.03
CA ALA A 39 -9.91 -11.88 14.72
C ALA A 39 -9.14 -10.64 15.10
N LEU A 40 -9.71 -9.45 14.86
CA LEU A 40 -9.06 -8.22 15.28
C LEU A 40 -8.92 -8.17 16.80
N ARG A 41 -9.96 -8.61 17.51
CA ARG A 41 -9.91 -8.65 18.98
C ARG A 41 -8.82 -9.61 19.47
N THR A 42 -8.80 -10.83 18.94
CA THR A 42 -7.83 -11.85 19.36
C THR A 42 -6.39 -11.35 19.26
N HIS A 43 -6.03 -10.71 18.16
CA HIS A 43 -4.67 -10.23 17.97
C HIS A 43 -4.45 -8.85 18.59
N GLY A 44 -5.40 -8.38 19.39
CA GLY A 44 -5.24 -7.13 20.09
C GLY A 44 -5.32 -5.89 19.24
N LEU A 45 -5.84 -5.98 18.01
CA LEU A 45 -5.80 -4.82 17.13
C LEU A 45 -7.01 -3.92 17.31
N ALA A 46 -8.18 -4.52 17.53
CA ALA A 46 -9.39 -3.73 17.77
C ALA A 46 -9.19 -2.83 19.00
N GLN A 47 -8.61 -3.38 20.06
CA GLN A 47 -8.36 -2.61 21.29
C GLN A 47 -7.47 -1.39 21.02
N ARG A 48 -6.62 -1.44 20.00
CA ARG A 48 -5.73 -0.33 19.68
C ARG A 48 -6.37 0.72 18.76
N CYS A 49 -7.62 0.51 18.37
CA CYS A 49 -8.35 1.35 17.43
C CYS A 49 -9.38 2.23 18.14
N LYS A 50 -9.63 3.41 17.59
CA LYS A 50 -10.70 4.28 18.09
C LYS A 50 -12.02 3.80 17.51
N ALA A 51 -12.92 3.31 18.37
CA ALA A 51 -14.19 2.70 17.96
C ALA A 51 -15.24 3.78 17.72
N VAL A 52 -15.20 4.36 16.54
CA VAL A 52 -16.22 5.32 16.12
C VAL A 52 -17.53 4.58 15.91
N PRO A 53 -18.66 5.09 16.41
CA PRO A 53 -19.92 4.35 16.26
C PRO A 53 -20.51 4.49 14.86
N VAL A 54 -21.35 3.51 14.51
CA VAL A 54 -22.09 3.62 13.26
C VAL A 54 -23.26 4.57 13.44
N ARG A 55 -23.79 5.03 12.32
CA ARG A 55 -25.03 5.79 12.25
C ARG A 55 -25.76 5.38 11.00
N GLN A 56 -27.00 5.83 10.86
CA GLN A 56 -27.73 5.66 9.61
C GLN A 56 -27.31 6.75 8.63
N ALA A 57 -27.13 6.36 7.38
CA ALA A 57 -27.12 7.34 6.31
C ALA A 57 -28.51 7.96 6.19
N THR A 58 -28.57 9.27 6.01
CA THR A 58 -29.86 9.92 5.85
C THR A 58 -30.38 9.71 4.42
N GLU A 59 -31.68 9.96 4.25
CA GLU A 59 -32.29 9.94 2.92
C GLU A 59 -31.56 10.85 1.94
N GLN A 60 -31.29 12.08 2.35
CA GLN A 60 -30.57 13.01 1.48
C GLN A 60 -29.19 12.48 1.14
N GLU A 61 -28.56 11.74 2.05
CA GLU A 61 -27.24 11.19 1.75
C GLU A 61 -27.35 10.05 0.74
N ILE A 62 -28.33 9.17 0.93
CA ILE A 62 -28.55 8.07 -0.02
C ILE A 62 -28.79 8.61 -1.42
N LEU A 63 -29.50 9.74 -1.52
CA LEU A 63 -29.82 10.34 -2.80
C LEU A 63 -28.61 10.92 -3.51
N LEU A 64 -27.46 11.01 -2.83
CA LEU A 64 -26.24 11.43 -3.51
C LEU A 64 -25.88 10.48 -4.64
N ALA A 65 -26.27 9.22 -4.52
CA ALA A 65 -25.80 8.18 -5.42
C ALA A 65 -26.90 7.28 -5.95
N HIS A 66 -28.11 7.35 -5.41
CA HIS A 66 -29.18 6.48 -5.82
C HIS A 66 -30.43 7.30 -6.12
N SER A 67 -31.31 6.72 -6.92
CA SER A 67 -32.52 7.41 -7.35
C SER A 67 -33.60 7.32 -6.28
N GLU A 68 -34.47 8.33 -6.26
CA GLU A 68 -35.63 8.29 -5.38
C GLU A 68 -36.45 7.04 -5.60
N GLU A 69 -36.68 6.65 -6.86
CA GLU A 69 -37.49 5.47 -7.11
C GLU A 69 -36.90 4.24 -6.45
N TYR A 70 -35.59 4.04 -6.59
CA TYR A 70 -34.96 2.83 -6.06
C TYR A 70 -34.98 2.85 -4.53
N LEU A 71 -34.68 3.99 -3.93
CA LEU A 71 -34.78 4.13 -2.48
C LEU A 71 -36.17 3.76 -1.99
N GLU A 72 -37.21 4.38 -2.58
CA GLU A 72 -38.59 4.08 -2.16
C GLU A 72 -38.88 2.59 -2.27
N ALA A 73 -38.39 1.93 -3.31
CA ALA A 73 -38.61 0.49 -3.41
C ALA A 73 -37.94 -0.24 -2.25
N VAL A 74 -36.65 0.01 -2.03
CA VAL A 74 -35.92 -0.68 -0.98
C VAL A 74 -36.53 -0.38 0.38
N LYS A 75 -37.05 0.84 0.56
CA LYS A 75 -37.61 1.28 1.82
C LYS A 75 -38.87 0.50 2.20
N GLN A 76 -39.51 -0.19 1.24
CA GLN A 76 -40.66 -1.02 1.56
C GLN A 76 -40.29 -2.45 1.94
N THR A 77 -39.04 -2.85 1.78
CA THR A 77 -38.71 -4.24 2.07
C THR A 77 -38.81 -4.61 3.56
N PRO A 78 -38.64 -3.69 4.53
CA PRO A 78 -38.86 -4.12 5.93
C PRO A 78 -40.27 -4.64 6.21
N GLY A 79 -41.26 -4.18 5.45
CA GLY A 79 -42.60 -4.65 5.60
C GLY A 79 -42.98 -5.89 4.84
N MET A 80 -42.03 -6.56 4.17
CA MET A 80 -42.34 -7.71 3.31
C MET A 80 -42.13 -9.04 4.02
N ASN A 81 -43.00 -10.01 3.76
CA ASN A 81 -42.73 -11.36 4.21
C ASN A 81 -41.72 -12.04 3.28
N VAL A 82 -41.46 -13.33 3.52
CA VAL A 82 -40.37 -14.02 2.82
C VAL A 82 -40.69 -14.14 1.33
N GLU A 83 -41.92 -14.58 1.00
CA GLU A 83 -42.30 -14.71 -0.41
C GLU A 83 -42.15 -13.38 -1.15
N GLU A 84 -42.60 -12.30 -0.53
CA GLU A 84 -42.47 -10.98 -1.15
C GLU A 84 -41.01 -10.58 -1.28
N LEU A 85 -40.18 -10.95 -0.29
CA LEU A 85 -38.76 -10.62 -0.35
C LEU A 85 -38.04 -11.41 -1.44
N MET A 86 -38.40 -12.67 -1.59
CA MET A 86 -37.88 -13.48 -2.69
C MET A 86 -38.28 -12.89 -4.03
N ALA A 87 -39.56 -12.54 -4.18
CA ALA A 87 -40.03 -11.93 -5.43
C ALA A 87 -39.32 -10.63 -5.72
N PHE A 88 -39.09 -9.79 -4.70
CA PHE A 88 -38.37 -8.54 -4.90
C PHE A 88 -36.89 -8.79 -5.19
N SER A 89 -36.31 -9.81 -4.54
CA SER A 89 -34.91 -10.14 -4.76
C SER A 89 -34.64 -10.50 -6.22
N LYS A 90 -35.59 -11.17 -6.88
CA LYS A 90 -35.38 -11.65 -8.24
C LYS A 90 -35.42 -10.55 -9.29
N LYS A 91 -35.85 -9.33 -8.94
CA LYS A 91 -35.76 -8.21 -9.86
C LYS A 91 -34.33 -7.80 -10.15
N TYR A 92 -33.36 -8.39 -9.47
CA TYR A 92 -31.98 -7.96 -9.48
C TYR A 92 -31.10 -9.20 -9.60
N ASN A 93 -29.81 -8.98 -9.87
CA ASN A 93 -28.89 -10.09 -10.10
C ASN A 93 -28.03 -10.37 -8.88
N ALA A 94 -28.05 -11.62 -8.43
CA ALA A 94 -27.18 -12.11 -7.34
C ALA A 94 -27.28 -11.23 -6.09
N VAL A 95 -28.50 -11.04 -5.61
CA VAL A 95 -28.69 -10.28 -4.39
C VAL A 95 -29.97 -10.76 -3.73
N TYR A 96 -29.96 -10.81 -2.39
CA TYR A 96 -31.11 -11.23 -1.61
C TYR A 96 -31.50 -10.13 -0.63
N PHE A 97 -32.79 -10.05 -0.32
CA PHE A 97 -33.23 -9.05 0.64
C PHE A 97 -33.76 -9.75 1.89
N HIS A 98 -33.81 -8.98 2.98
CA HIS A 98 -34.22 -9.47 4.29
C HIS A 98 -34.95 -8.35 5.02
N GLN A 99 -35.79 -8.74 5.98
CA GLN A 99 -36.57 -7.75 6.72
CA GLN A 99 -36.56 -7.77 6.78
C GLN A 99 -35.70 -6.63 7.28
N ASN A 100 -34.43 -6.91 7.62
CA ASN A 100 -33.55 -5.97 8.30
C ASN A 100 -32.43 -5.40 7.41
N ILE A 101 -32.42 -5.71 6.10
CA ILE A 101 -31.26 -5.34 5.30
C ILE A 101 -31.29 -3.86 4.94
N TYR A 102 -32.48 -3.29 4.76
CA TYR A 102 -32.54 -1.85 4.54
C TYR A 102 -31.94 -1.09 5.72
N HIS A 103 -32.33 -1.48 6.93
CA HIS A 103 -31.69 -0.98 8.14
C HIS A 103 -30.18 -1.15 8.05
N CYS A 104 -29.74 -2.39 7.77
CA CYS A 104 -28.29 -2.64 7.77
C CYS A 104 -27.57 -1.88 6.64
N ALA A 105 -28.22 -1.73 5.48
CA ALA A 105 -27.61 -0.98 4.38
C ALA A 105 -27.43 0.48 4.76
N LYS A 106 -28.40 1.05 5.46
CA LYS A 106 -28.21 2.44 5.89
C LYS A 106 -27.07 2.55 6.89
N LEU A 107 -26.88 1.51 7.71
CA LEU A 107 -25.80 1.47 8.69
C LEU A 107 -24.45 1.24 8.04
N ALA A 108 -24.39 0.31 7.07
CA ALA A 108 -23.18 0.12 6.27
C ALA A 108 -22.78 1.43 5.61
N ALA A 109 -23.75 2.17 5.06
CA ALA A 109 -23.43 3.45 4.44
C ALA A 109 -23.04 4.50 5.48
N GLY A 110 -23.83 4.63 6.56
CA GLY A 110 -23.49 5.62 7.58
C GLY A 110 -22.15 5.36 8.24
N ALA A 111 -21.85 4.10 8.53
CA ALA A 111 -20.52 3.76 9.03
C ALA A 111 -19.42 4.29 8.11
N THR A 112 -19.58 4.09 6.80
CA THR A 112 -18.60 4.62 5.85
C THR A 112 -18.48 6.14 5.99
N LEU A 113 -19.62 6.82 6.10
CA LEU A 113 -19.57 8.28 6.26
C LEU A 113 -18.92 8.68 7.58
N GLN A 114 -19.20 7.94 8.68
CA GLN A 114 -18.50 8.23 9.94
C GLN A 114 -17.00 8.17 9.75
N LEU A 115 -16.54 7.13 9.04
CA LEU A 115 -15.11 6.95 8.78
C LEU A 115 -14.54 8.09 7.96
N VAL A 116 -15.29 8.56 6.97
CA VAL A 116 -14.84 9.69 6.17
C VAL A 116 -14.68 10.93 7.04
N ASP A 117 -15.68 11.22 7.88
CA ASP A 117 -15.65 12.40 8.73
C ASP A 117 -14.49 12.34 9.73
N SER A 118 -14.29 11.19 10.38
CA SER A 118 -13.20 11.13 11.36
C SER A 118 -11.85 11.38 10.72
N VAL A 119 -11.61 10.81 9.54
CA VAL A 119 -10.34 11.01 8.85
C VAL A 119 -10.22 12.45 8.37
N MET A 120 -11.27 12.97 7.71
CA MET A 120 -11.20 14.33 7.16
C MET A 120 -11.26 15.41 8.23
N LYS A 121 -11.80 15.13 9.42
CA LYS A 121 -11.73 16.08 10.52
C LYS A 121 -10.40 16.00 11.26
N ARG A 122 -9.52 15.06 10.90
CA ARG A 122 -8.24 14.83 11.54
C ARG A 122 -8.39 14.24 12.95
N GLU A 123 -9.55 13.63 13.26
CA GLU A 123 -9.70 12.96 14.54
C GLU A 123 -8.95 11.63 14.57
N VAL A 124 -8.73 11.02 13.40
CA VAL A 124 -7.84 9.86 13.24
C VAL A 124 -7.03 10.06 11.97
N ARG A 125 -5.92 9.31 11.88
CA ARG A 125 -5.12 9.36 10.66
C ARG A 125 -5.79 8.58 9.54
N ASN A 126 -6.41 7.45 9.86
CA ASN A 126 -6.97 6.54 8.87
C ASN A 126 -7.94 5.62 9.60
N GLY A 127 -8.53 4.68 8.87
CA GLY A 127 -9.33 3.69 9.55
C GLY A 127 -10.01 2.72 8.61
N MET A 128 -10.82 1.86 9.22
CA MET A 128 -11.47 0.77 8.53
C MET A 128 -12.88 0.61 9.07
N ALA A 129 -13.82 0.35 8.17
CA ALA A 129 -15.20 0.03 8.51
C ALA A 129 -15.48 -1.42 8.12
N LEU A 130 -15.95 -2.21 9.08
CA LEU A 130 -16.35 -3.60 8.84
C LEU A 130 -17.86 -3.57 8.68
N VAL A 131 -18.33 -3.67 7.44
CA VAL A 131 -19.74 -3.46 7.13
C VAL A 131 -20.30 -4.61 6.33
N ARG A 132 -21.62 -4.78 6.45
CA ARG A 132 -22.45 -5.60 5.59
C ARG A 132 -23.73 -4.79 5.47
N PRO A 133 -24.39 -4.79 4.31
CA PRO A 133 -23.96 -5.48 3.10
C PRO A 133 -22.84 -4.72 2.40
N PRO A 134 -22.13 -5.38 1.48
CA PRO A 134 -21.12 -4.67 0.69
C PRO A 134 -21.76 -3.65 -0.23
N GLY A 135 -20.91 -2.88 -0.90
CA GLY A 135 -21.42 -1.80 -1.72
C GLY A 135 -21.08 -1.74 -3.20
N HIS A 136 -19.91 -2.23 -3.63
CA HIS A 136 -19.32 -1.71 -4.86
C HIS A 136 -20.01 -2.20 -6.14
N HIS A 137 -20.92 -3.17 -6.07
CA HIS A 137 -21.72 -3.55 -7.23
C HIS A 137 -23.00 -2.73 -7.38
N SER A 138 -23.47 -2.06 -6.32
CA SER A 138 -24.80 -1.48 -6.39
C SER A 138 -24.78 -0.21 -7.24
N GLN A 139 -25.91 0.07 -7.86
CA GLN A 139 -25.98 1.08 -8.90
C GLN A 139 -27.10 2.06 -8.59
N ARG A 140 -27.12 3.16 -9.36
N ARG A 140 -27.12 3.18 -9.34
CA ARG A 140 -28.04 4.26 -9.11
CA ARG A 140 -28.07 4.27 -9.10
C ARG A 140 -29.47 3.78 -8.84
C ARG A 140 -29.47 3.77 -8.81
N SER A 141 -29.95 2.77 -9.57
CA SER A 141 -31.31 2.27 -9.40
C SER A 141 -31.35 0.75 -9.32
N ALA A 142 -30.27 0.11 -8.86
CA ALA A 142 -30.34 -1.35 -8.74
C ALA A 142 -29.43 -1.87 -7.64
N ALA A 143 -29.94 -2.85 -6.90
CA ALA A 143 -29.11 -3.73 -6.09
C ALA A 143 -28.47 -4.78 -6.99
N ASN A 144 -27.26 -5.19 -6.63
CA ASN A 144 -26.50 -6.10 -7.47
C ASN A 144 -25.43 -6.77 -6.62
N GLY A 145 -25.26 -8.09 -6.78
CA GLY A 145 -24.12 -8.77 -6.19
C GLY A 145 -23.95 -8.54 -4.70
N PHE A 146 -24.98 -8.88 -3.92
CA PHE A 146 -25.10 -8.71 -2.47
C PHE A 146 -25.14 -7.26 -2.04
N CYS A 147 -24.99 -6.30 -2.95
CA CYS A 147 -24.90 -4.88 -2.61
C CYS A 147 -26.25 -4.18 -2.74
N VAL A 148 -26.60 -3.35 -1.73
CA VAL A 148 -27.85 -2.60 -1.76
C VAL A 148 -27.57 -1.16 -2.13
N PHE A 149 -26.71 -0.48 -1.36
CA PHE A 149 -26.30 0.89 -1.62
C PHE A 149 -24.79 0.90 -1.74
N ASN A 150 -24.25 1.85 -2.51
CA ASN A 150 -22.84 1.83 -2.83
C ASN A 150 -22.05 2.62 -1.79
N ASN A 151 -21.61 1.90 -0.75
CA ASN A 151 -20.94 2.51 0.40
C ASN A 151 -19.80 3.43 -0.01
N VAL A 152 -18.90 2.91 -0.86
CA VAL A 152 -17.68 3.64 -1.23
C VAL A 152 -17.98 4.76 -2.21
N ALA A 153 -18.99 4.61 -3.07
CA ALA A 153 -19.39 5.73 -3.93
C ALA A 153 -19.96 6.89 -3.09
N PHE A 154 -20.90 6.58 -2.17
CA PHE A 154 -21.32 7.53 -1.13
C PHE A 154 -20.13 8.32 -0.57
N ALA A 155 -19.13 7.58 -0.09
CA ALA A 155 -18.02 8.20 0.64
C ALA A 155 -17.34 9.25 -0.19
N ALA A 156 -17.07 8.96 -1.47
CA ALA A 156 -16.38 9.94 -2.29
C ALA A 156 -17.29 11.11 -2.64
N LEU A 157 -18.56 10.83 -2.93
CA LEU A 157 -19.51 11.92 -3.17
C LEU A 157 -19.68 12.81 -1.94
N TYR A 158 -19.82 12.18 -0.77
CA TYR A 158 -19.94 12.91 0.49
C TYR A 158 -18.67 13.69 0.82
N ALA A 159 -17.50 13.11 0.56
CA ALA A 159 -16.24 13.82 0.81
C ALA A 159 -16.10 15.01 -0.13
N LYS A 160 -16.47 14.83 -1.39
CA LYS A 160 -16.49 15.94 -2.34
C LYS A 160 -17.39 17.08 -1.85
N LYS A 161 -18.63 16.73 -1.46
CA LYS A 161 -19.61 17.76 -1.19
C LYS A 161 -19.31 18.51 0.09
N ASN A 162 -18.88 17.80 1.14
CA ASN A 162 -18.75 18.38 2.48
C ASN A 162 -17.34 18.82 2.83
N TYR A 163 -16.33 18.41 2.08
CA TYR A 163 -14.99 18.90 2.33
C TYR A 163 -14.37 19.53 1.10
N ASN A 164 -15.14 19.65 0.01
CA ASN A 164 -14.71 20.38 -1.18
C ASN A 164 -13.43 19.77 -1.76
N LEU A 165 -13.39 18.45 -1.86
CA LEU A 165 -12.21 17.76 -2.39
C LEU A 165 -12.27 17.75 -3.91
N ASN A 166 -11.12 18.01 -4.54
CA ASN A 166 -11.03 17.97 -6.00
C ASN A 166 -10.53 16.66 -6.57
N ARG A 167 -9.84 15.84 -5.76
CA ARG A 167 -9.19 14.62 -6.25
C ARG A 167 -9.31 13.54 -5.18
N ILE A 168 -10.07 12.50 -5.47
CA ILE A 168 -10.22 11.34 -4.59
C ILE A 168 -9.83 10.10 -5.37
N LEU A 169 -9.05 9.21 -4.73
CA LEU A 169 -8.63 7.94 -5.31
C LEU A 169 -9.42 6.81 -4.67
N ILE A 170 -10.00 5.96 -5.49
CA ILE A 170 -10.65 4.75 -5.01
C ILE A 170 -9.85 3.56 -5.54
N VAL A 171 -9.38 2.71 -4.62
CA VAL A 171 -8.68 1.48 -4.96
C VAL A 171 -9.62 0.34 -4.61
N ASP A 172 -10.01 -0.46 -5.61
CA ASP A 172 -10.94 -1.57 -5.41
C ASP A 172 -10.15 -2.85 -5.64
N TRP A 173 -9.65 -3.45 -4.55
CA TRP A 173 -8.84 -4.64 -4.67
C TRP A 173 -9.63 -5.91 -4.35
N ASP A 174 -10.95 -5.80 -4.25
CA ASP A 174 -11.84 -6.95 -4.29
C ASP A 174 -11.58 -7.72 -5.58
N VAL A 175 -11.95 -9.01 -5.58
CA VAL A 175 -11.65 -9.83 -6.75
C VAL A 175 -12.69 -9.67 -7.85
N HIS A 176 -13.80 -9.01 -7.55
CA HIS A 176 -14.86 -8.72 -8.50
C HIS A 176 -14.79 -7.27 -8.94
N HIS A 177 -15.33 -6.98 -10.12
CA HIS A 177 -15.30 -5.61 -10.63
C HIS A 177 -16.37 -4.77 -9.96
N GLY A 178 -15.97 -3.61 -9.43
CA GLY A 178 -16.96 -2.75 -8.82
C GLY A 178 -17.66 -1.88 -9.84
N GLN A 179 -18.50 -2.50 -10.69
CA GLN A 179 -19.08 -1.76 -11.81
C GLN A 179 -19.98 -0.64 -11.34
N GLY A 180 -20.68 -0.83 -10.20
CA GLY A 180 -21.43 0.29 -9.63
C GLY A 180 -20.57 1.53 -9.43
N ILE A 181 -19.33 1.34 -8.98
CA ILE A 181 -18.46 2.50 -8.76
C ILE A 181 -18.01 3.08 -10.09
N GLN A 182 -17.65 2.22 -11.05
CA GLN A 182 -17.25 2.71 -12.37
C GLN A 182 -18.31 3.62 -12.97
N TYR A 183 -19.53 3.11 -13.10
CA TYR A 183 -20.64 3.91 -13.63
C TYR A 183 -20.78 5.23 -12.90
N CYS A 184 -20.68 5.19 -11.57
CA CYS A 184 -20.90 6.39 -10.79
C CYS A 184 -19.99 7.51 -11.22
N PHE A 185 -18.70 7.23 -11.41
CA PHE A 185 -17.74 8.28 -11.73
C PHE A 185 -17.22 8.18 -13.16
N GLU A 186 -17.95 7.49 -14.03
CA GLU A 186 -17.53 7.27 -15.40
C GLU A 186 -17.04 8.54 -16.06
N GLU A 187 -17.75 9.65 -15.85
CA GLU A 187 -17.40 10.92 -16.47
C GLU A 187 -16.74 11.90 -15.52
N ASP A 188 -16.35 11.46 -14.34
CA ASP A 188 -15.87 12.37 -13.31
C ASP A 188 -14.36 12.27 -13.17
N PRO A 189 -13.59 13.29 -13.53
CA PRO A 189 -12.14 13.25 -13.30
C PRO A 189 -11.73 13.56 -11.89
N SER A 190 -12.66 13.90 -11.01
CA SER A 190 -12.27 14.20 -9.65
C SER A 190 -12.15 12.95 -8.80
N VAL A 191 -12.72 11.83 -9.25
CA VAL A 191 -12.63 10.55 -8.56
C VAL A 191 -11.94 9.56 -9.50
N LEU A 192 -10.71 9.19 -9.17
CA LEU A 192 -9.97 8.18 -9.92
C LEU A 192 -10.31 6.79 -9.37
N TYR A 193 -10.91 5.93 -10.20
CA TYR A 193 -11.27 4.57 -9.82
C TYR A 193 -10.32 3.55 -10.45
N PHE A 194 -9.59 2.80 -9.62
CA PHE A 194 -8.79 1.67 -10.05
C PHE A 194 -9.40 0.36 -9.54
N SER A 195 -9.50 -0.64 -10.40
CA SER A 195 -9.96 -1.96 -9.95
C SER A 195 -9.23 -3.07 -10.68
N TRP A 196 -8.73 -4.06 -9.94
CA TRP A 196 -8.38 -5.32 -10.56
C TRP A 196 -9.50 -6.31 -10.28
N HIS A 197 -9.60 -7.35 -11.10
CA HIS A 197 -10.71 -8.27 -10.91
C HIS A 197 -10.55 -9.49 -11.78
N ARG A 198 -10.98 -10.63 -11.25
CA ARG A 198 -11.11 -11.83 -12.06
C ARG A 198 -12.08 -11.55 -13.20
N TYR A 199 -11.61 -11.76 -14.43
CA TYR A 199 -12.35 -11.47 -15.65
C TYR A 199 -12.50 -12.71 -16.51
N GLU A 200 -11.38 -13.40 -16.76
CA GLU A 200 -11.31 -14.55 -17.65
C GLU A 200 -11.99 -14.26 -18.98
N HIS A 201 -11.57 -13.17 -19.62
CA HIS A 201 -12.05 -12.81 -20.95
C HIS A 201 -13.57 -12.67 -20.97
N GLN A 202 -14.12 -12.09 -19.91
CA GLN A 202 -15.53 -11.73 -19.73
C GLN A 202 -16.38 -12.95 -19.37
N SER A 203 -15.78 -14.11 -19.15
CA SER A 203 -16.62 -15.23 -18.73
C SER A 203 -16.88 -15.26 -17.22
N PHE A 204 -16.29 -14.35 -16.45
CA PHE A 204 -16.49 -14.37 -15.01
C PHE A 204 -17.45 -13.26 -14.60
N TRP A 205 -18.35 -13.57 -13.68
CA TRP A 205 -19.35 -12.61 -13.24
C TRP A 205 -18.67 -11.33 -12.79
N PRO A 206 -19.23 -10.14 -13.11
CA PRO A 206 -20.51 -9.83 -13.75
C PRO A 206 -20.53 -9.82 -15.30
N ASN A 207 -19.52 -10.36 -15.99
CA ASN A 207 -19.63 -10.65 -17.42
C ASN A 207 -19.86 -9.39 -18.25
N LEU A 208 -19.07 -8.35 -18.00
CA LEU A 208 -19.33 -7.06 -18.63
C LEU A 208 -18.22 -6.69 -19.58
N PRO A 209 -18.53 -6.33 -20.82
CA PRO A 209 -17.52 -5.74 -21.70
C PRO A 209 -16.80 -4.56 -21.04
N GLU A 210 -17.49 -3.74 -20.23
CA GLU A 210 -16.90 -2.53 -19.66
C GLU A 210 -15.97 -2.79 -18.48
N SER A 211 -15.86 -4.03 -18.00
CA SER A 211 -14.84 -4.37 -17.01
C SER A 211 -13.47 -4.57 -17.63
N ASP A 212 -13.34 -4.45 -18.95
CA ASP A 212 -12.06 -4.71 -19.60
C ASP A 212 -11.17 -3.47 -19.52
N TYR A 213 -9.90 -3.66 -19.86
CA TYR A 213 -8.91 -2.59 -19.75
C TYR A 213 -9.20 -1.41 -20.65
N SER A 214 -10.06 -1.56 -21.65
CA SER A 214 -10.23 -0.47 -22.60
C SER A 214 -11.22 0.57 -22.10
N SER A 215 -11.91 0.30 -20.99
CA SER A 215 -12.82 1.27 -20.39
C SER A 215 -11.97 2.22 -19.56
N VAL A 216 -11.59 3.35 -20.16
CA VAL A 216 -10.79 4.35 -19.48
C VAL A 216 -11.63 5.51 -18.94
N GLY A 217 -12.96 5.39 -18.98
CA GLY A 217 -13.83 6.50 -18.64
C GLY A 217 -14.37 7.18 -19.88
N LYS A 218 -15.27 8.14 -19.67
CA LYS A 218 -15.92 8.85 -20.76
C LYS A 218 -15.83 10.36 -20.58
N GLY A 219 -15.69 11.09 -21.69
CA GLY A 219 -15.83 12.54 -21.65
C GLY A 219 -14.68 13.18 -20.91
N LYS A 220 -15.00 14.16 -20.05
CA LYS A 220 -13.95 14.72 -19.20
C LYS A 220 -13.33 13.67 -18.28
N GLY A 221 -13.99 12.52 -18.09
CA GLY A 221 -13.45 11.48 -17.22
C GLY A 221 -12.53 10.47 -17.89
N SER A 222 -12.05 10.73 -19.10
CA SER A 222 -11.27 9.72 -19.80
C SER A 222 -9.88 9.59 -19.16
N GLY A 223 -9.50 8.37 -18.81
CA GLY A 223 -8.27 8.16 -18.09
C GLY A 223 -8.40 8.15 -16.57
N PHE A 224 -9.60 8.34 -16.04
CA PHE A 224 -9.79 8.30 -14.59
C PHE A 224 -10.57 7.06 -14.18
N ASN A 225 -10.66 6.10 -15.09
CA ASN A 225 -11.11 4.75 -14.81
C ASN A 225 -10.03 3.81 -15.28
N ILE A 226 -9.54 2.96 -14.38
CA ILE A 226 -8.45 2.03 -14.69
C ILE A 226 -8.90 0.64 -14.27
N ASN A 227 -9.21 -0.21 -15.26
CA ASN A 227 -9.56 -1.61 -15.05
C ASN A 227 -8.35 -2.49 -15.39
N LEU A 228 -8.00 -3.40 -14.48
CA LEU A 228 -6.97 -4.41 -14.73
C LEU A 228 -7.57 -5.79 -14.65
N PRO A 229 -7.96 -6.39 -15.78
CA PRO A 229 -8.61 -7.70 -15.76
C PRO A 229 -7.61 -8.83 -15.50
N TRP A 230 -7.97 -9.74 -14.60
CA TRP A 230 -7.26 -11.01 -14.42
C TRP A 230 -7.90 -12.06 -15.29
N ASN A 231 -7.15 -12.59 -16.25
CA ASN A 231 -7.72 -13.52 -17.21
C ASN A 231 -7.41 -14.97 -16.91
N LYS A 232 -6.67 -15.25 -15.83
CA LYS A 232 -6.50 -16.58 -15.27
C LYS A 232 -6.63 -16.49 -13.77
N VAL A 233 -7.02 -17.60 -13.14
CA VAL A 233 -7.06 -17.64 -11.68
C VAL A 233 -5.65 -17.92 -11.19
N GLY A 234 -5.48 -17.98 -9.87
CA GLY A 234 -4.18 -18.32 -9.29
C GLY A 234 -3.17 -17.20 -9.26
N MET A 235 -3.60 -15.94 -9.41
CA MET A 235 -2.68 -14.83 -9.30
C MET A 235 -2.02 -14.79 -7.91
N THR A 236 -0.76 -14.37 -7.90
CA THR A 236 0.07 -14.44 -6.69
C THR A 236 0.47 -13.05 -6.19
N ASN A 237 1.17 -13.06 -5.05
CA ASN A 237 1.85 -11.86 -4.56
C ASN A 237 2.53 -11.13 -5.69
N SER A 238 3.28 -11.85 -6.54
CA SER A 238 4.06 -11.19 -7.59
C SER A 238 3.16 -10.47 -8.60
N ASP A 239 2.02 -11.07 -8.94
CA ASP A 239 1.08 -10.40 -9.86
C ASP A 239 0.51 -9.15 -9.23
N TYR A 240 0.08 -9.25 -7.97
CA TYR A 240 -0.48 -8.10 -7.26
C TYR A 240 0.54 -6.98 -7.12
N LEU A 241 1.78 -7.31 -6.76
CA LEU A 241 2.75 -6.23 -6.60
C LEU A 241 3.17 -5.64 -7.95
N ALA A 242 3.19 -6.47 -9.00
CA ALA A 242 3.45 -5.94 -10.35
C ALA A 242 2.37 -4.93 -10.74
N ALA A 243 1.11 -5.27 -10.49
CA ALA A 243 0.01 -4.34 -10.71
C ALA A 243 0.23 -3.01 -10.00
N PHE A 244 0.64 -3.04 -8.73
CA PHE A 244 0.83 -1.78 -8.02
C PHE A 244 2.01 -1.00 -8.58
N PHE A 245 3.16 -1.67 -8.75
CA PHE A 245 4.36 -0.96 -9.18
C PHE A 245 4.22 -0.39 -10.59
N HIS A 246 3.61 -1.12 -11.51
CA HIS A 246 3.65 -0.73 -12.92
C HIS A 246 2.33 -0.20 -13.45
N VAL A 247 1.24 -0.25 -12.67
CA VAL A 247 0.00 0.44 -13.08
C VAL A 247 -0.48 1.43 -12.02
N LEU A 248 -0.85 0.93 -10.82
CA LEU A 248 -1.62 1.75 -9.89
C LEU A 248 -0.77 2.87 -9.27
N LEU A 249 0.39 2.53 -8.70
CA LEU A 249 1.14 3.55 -7.97
C LEU A 249 1.66 4.66 -8.87
N PRO A 250 2.19 4.38 -10.06
CA PRO A 250 2.64 5.50 -10.91
C PRO A 250 1.52 6.48 -11.15
N VAL A 251 0.30 5.99 -11.38
CA VAL A 251 -0.82 6.88 -11.61
C VAL A 251 -1.20 7.58 -10.31
N ALA A 252 -1.22 6.85 -9.20
CA ALA A 252 -1.71 7.41 -7.94
C ALA A 252 -0.86 8.58 -7.48
N TYR A 253 0.47 8.48 -7.60
CA TYR A 253 1.32 9.57 -7.13
C TYR A 253 1.30 10.76 -8.06
N GLU A 254 1.06 10.55 -9.36
CA GLU A 254 0.89 11.69 -10.26
C GLU A 254 -0.45 12.38 -10.05
N PHE A 255 -1.52 11.60 -9.86
CA PHE A 255 -2.83 12.13 -9.51
C PHE A 255 -2.77 12.95 -8.22
N ASP A 256 -2.02 12.47 -7.22
CA ASP A 256 -1.90 13.15 -5.93
C ASP A 256 -3.27 13.36 -5.29
N PRO A 257 -3.92 12.31 -4.82
CA PRO A 257 -5.26 12.47 -4.25
C PRO A 257 -5.21 13.20 -2.90
N GLU A 258 -6.36 13.77 -2.54
CA GLU A 258 -6.54 14.39 -1.23
C GLU A 258 -7.19 13.43 -0.25
N LEU A 259 -7.72 12.32 -0.76
CA LEU A 259 -8.24 11.25 0.08
C LEU A 259 -8.15 9.93 -0.68
N VAL A 260 -7.85 8.85 0.03
CA VAL A 260 -7.86 7.50 -0.52
C VAL A 260 -8.96 6.70 0.16
N ILE A 261 -9.84 6.10 -0.64
CA ILE A 261 -10.84 5.15 -0.16
C ILE A 261 -10.55 3.81 -0.81
N VAL A 262 -10.58 2.75 -0.01
CA VAL A 262 -10.27 1.41 -0.48
C VAL A 262 -11.54 0.57 -0.41
N SER A 263 -11.98 0.04 -1.56
CA SER A 263 -12.94 -1.06 -1.59
C SER A 263 -12.14 -2.30 -1.30
N ALA A 264 -12.21 -2.73 -0.05
CA ALA A 264 -11.31 -3.74 0.48
C ALA A 264 -12.05 -5.07 0.56
N GLY A 265 -12.16 -5.72 -0.59
CA GLY A 265 -12.60 -7.10 -0.66
C GLY A 265 -11.42 -8.04 -0.56
N PHE A 266 -11.56 -9.06 0.28
CA PHE A 266 -10.51 -10.04 0.48
C PHE A 266 -10.84 -11.37 -0.18
N ASP A 267 -11.85 -11.41 -1.04
CA ASP A 267 -12.00 -12.58 -1.87
C ASP A 267 -10.88 -12.71 -2.91
N SER A 268 -9.93 -11.77 -2.94
CA SER A 268 -8.75 -11.83 -3.79
C SER A 268 -7.58 -12.54 -3.13
N ALA A 269 -7.78 -13.06 -1.93
CA ALA A 269 -6.74 -13.69 -1.15
C ALA A 269 -6.84 -15.19 -1.30
N ILE A 270 -5.69 -15.86 -1.16
CA ILE A 270 -5.63 -17.32 -1.24
C ILE A 270 -6.73 -17.96 -0.40
N GLY A 271 -7.27 -19.08 -0.89
CA GLY A 271 -8.28 -19.84 -0.18
C GLY A 271 -9.71 -19.38 -0.41
N ASP A 272 -9.93 -18.24 -1.03
CA ASP A 272 -11.30 -17.80 -1.24
C ASP A 272 -11.95 -18.63 -2.32
N PRO A 273 -13.12 -19.21 -2.07
CA PRO A 273 -13.76 -20.05 -3.09
C PRO A 273 -14.25 -19.29 -4.30
N GLU A 274 -14.35 -17.96 -4.24
CA GLU A 274 -14.83 -17.16 -5.36
C GLU A 274 -13.74 -16.53 -6.19
N GLY A 275 -12.68 -16.02 -5.56
CA GLY A 275 -11.60 -15.44 -6.31
C GLY A 275 -10.65 -16.47 -6.89
N GLU A 276 -10.35 -17.53 -6.12
CA GLU A 276 -9.46 -18.61 -6.55
C GLU A 276 -8.08 -18.08 -6.95
N MET A 277 -7.68 -16.95 -6.36
CA MET A 277 -6.33 -16.43 -6.46
C MET A 277 -5.46 -17.07 -5.36
N CYS A 278 -4.16 -16.72 -5.33
CA CYS A 278 -3.20 -17.34 -4.43
C CYS A 278 -2.34 -16.34 -3.66
N ALA A 279 -2.76 -15.09 -3.54
CA ALA A 279 -1.96 -14.13 -2.77
C ALA A 279 -2.18 -14.34 -1.28
N LEU A 280 -1.11 -14.23 -0.51
CA LEU A 280 -1.21 -14.48 0.92
C LEU A 280 -1.80 -13.27 1.64
N PRO A 281 -2.40 -13.49 2.81
CA PRO A 281 -2.93 -12.34 3.59
C PRO A 281 -1.90 -11.26 3.81
N GLU A 282 -0.63 -11.64 3.92
CA GLU A 282 0.43 -10.67 4.15
C GLU A 282 0.51 -9.62 3.06
N ILE A 283 0.08 -9.94 1.84
CA ILE A 283 0.19 -8.98 0.76
C ILE A 283 -0.65 -7.75 1.05
N PHE A 284 -1.74 -7.93 1.80
CA PHE A 284 -2.60 -6.80 2.11
C PHE A 284 -1.92 -5.82 3.05
N ALA A 285 -0.97 -6.29 3.86
CA ALA A 285 -0.17 -5.36 4.64
C ALA A 285 0.60 -4.43 3.73
N HIS A 286 1.03 -4.93 2.57
CA HIS A 286 1.82 -4.11 1.68
C HIS A 286 0.98 -3.27 0.75
N LEU A 287 -0.13 -3.80 0.23
CA LEU A 287 -1.06 -2.99 -0.56
C LEU A 287 -1.50 -1.80 0.24
N THR A 288 -1.83 -2.03 1.52
CA THR A 288 -2.15 -0.92 2.43
C THR A 288 -0.95 0.01 2.58
N HIS A 289 0.22 -0.54 2.89
CA HIS A 289 1.38 0.28 3.20
C HIS A 289 1.81 1.10 2.00
N LEU A 290 1.72 0.53 0.80
CA LEU A 290 2.20 1.26 -0.37
C LEU A 290 1.35 2.48 -0.69
N LEU A 291 0.09 2.51 -0.21
CA LEU A 291 -0.80 3.65 -0.44
C LEU A 291 -0.79 4.68 0.70
N MET A 292 -0.17 4.39 1.83
CA MET A 292 -0.21 5.31 2.97
C MET A 292 0.53 6.64 2.77
N PRO A 293 1.61 6.73 1.98
CA PRO A 293 2.17 8.05 1.68
C PRO A 293 1.24 8.93 0.86
N LEU A 294 0.14 8.43 0.33
CA LEU A 294 -0.77 9.29 -0.41
C LEU A 294 -1.67 10.05 0.57
N ALA A 295 -1.98 11.31 0.21
CA ALA A 295 -3.01 12.10 0.88
C ALA A 295 -2.70 12.24 2.37
N ALA A 296 -1.42 12.46 2.67
CA ALA A 296 -0.95 12.59 4.04
C ALA A 296 -1.44 11.43 4.91
N GLY A 297 -1.61 10.26 4.31
CA GLY A 297 -2.07 9.08 5.04
C GLY A 297 -3.56 8.98 5.24
N LYS A 298 -4.34 9.93 4.73
CA LYS A 298 -5.78 9.92 4.91
C LYS A 298 -6.42 8.80 4.09
N MET A 299 -6.61 7.64 4.71
CA MET A 299 -7.05 6.47 3.99
C MET A 299 -8.22 5.81 4.72
N CYS A 300 -9.32 5.60 3.99
CA CYS A 300 -10.53 5.01 4.53
C CYS A 300 -10.72 3.63 3.89
N VAL A 301 -10.59 2.57 4.68
CA VAL A 301 -10.71 1.20 4.19
C VAL A 301 -12.10 0.69 4.49
N VAL A 302 -12.80 0.21 3.48
CA VAL A 302 -14.18 -0.24 3.62
C VAL A 302 -14.27 -1.69 3.17
N LEU A 303 -14.79 -2.55 4.03
CA LEU A 303 -14.93 -3.96 3.70
C LEU A 303 -15.90 -4.15 2.55
N GLU A 304 -15.50 -4.96 1.54
CA GLU A 304 -16.40 -5.41 0.50
C GLU A 304 -16.62 -6.90 0.69
N GLY A 305 -15.96 -7.78 -0.10
CA GLY A 305 -16.19 -9.20 -0.03
C GLY A 305 -15.09 -9.95 0.72
N GLY A 306 -15.23 -11.28 0.73
CA GLY A 306 -14.28 -12.17 1.39
C GLY A 306 -15.02 -13.29 2.08
N TYR A 307 -14.85 -14.54 1.62
CA TYR A 307 -15.79 -15.59 1.93
C TYR A 307 -15.19 -16.81 2.60
N ASN A 308 -13.87 -16.97 2.58
CA ASN A 308 -13.23 -18.01 3.37
C ASN A 308 -13.01 -17.44 4.77
N LEU A 309 -13.78 -17.92 5.74
CA LEU A 309 -13.78 -17.26 7.04
C LEU A 309 -12.38 -17.20 7.64
N THR A 310 -11.51 -18.16 7.29
CA THR A 310 -10.16 -18.17 7.80
C THR A 310 -9.25 -17.19 7.05
N SER A 311 -9.13 -17.36 5.74
CA SER A 311 -8.44 -16.34 4.95
C SER A 311 -8.88 -14.92 5.32
N LEU A 312 -10.15 -14.77 5.71
CA LEU A 312 -10.73 -13.44 5.87
C LEU A 312 -10.16 -12.72 7.09
N GLY A 313 -10.24 -13.35 8.27
CA GLY A 313 -9.67 -12.74 9.46
C GLY A 313 -8.20 -12.37 9.29
N GLN A 314 -7.43 -13.24 8.63
CA GLN A 314 -6.00 -12.98 8.54
C GLN A 314 -5.72 -11.76 7.69
N SER A 315 -6.48 -11.57 6.60
CA SER A 315 -6.26 -10.43 5.71
C SER A 315 -6.76 -9.14 6.33
N VAL A 316 -7.85 -9.20 7.10
CA VAL A 316 -8.31 -8.04 7.86
C VAL A 316 -7.26 -7.59 8.86
N CYS A 317 -6.63 -8.55 9.56
CA CYS A 317 -5.62 -8.21 10.56
C CYS A 317 -4.39 -7.56 9.94
N GLN A 318 -3.95 -8.09 8.79
CA GLN A 318 -2.78 -7.53 8.13
C GLN A 318 -3.05 -6.10 7.68
N THR A 319 -4.27 -5.82 7.24
CA THR A 319 -4.62 -4.47 6.83
C THR A 319 -4.58 -3.51 8.03
N VAL A 320 -5.25 -3.88 9.13
CA VAL A 320 -5.26 -3.00 10.30
C VAL A 320 -3.86 -2.85 10.90
N HIS A 321 -3.09 -3.95 10.94
CA HIS A 321 -1.69 -3.86 11.36
C HIS A 321 -0.98 -2.72 10.65
N SER A 322 -1.14 -2.65 9.31
CA SER A 322 -0.47 -1.60 8.54
C SER A 322 -1.08 -0.23 8.79
N LEU A 323 -2.40 -0.15 8.95
CA LEU A 323 -3.02 1.13 9.31
C LEU A 323 -2.48 1.67 10.64
N LEU A 324 -2.28 0.79 11.62
CA LEU A 324 -1.70 1.19 12.89
C LEU A 324 -0.20 1.51 12.81
N GLY A 325 0.46 1.21 11.69
CA GLY A 325 1.88 1.45 11.55
C GLY A 325 2.79 0.33 12.01
N ASP A 326 2.26 -0.86 12.24
CA ASP A 326 3.10 -1.98 12.66
C ASP A 326 3.99 -2.44 11.50
N PRO A 327 5.17 -3.01 11.80
CA PRO A 327 6.11 -3.35 10.72
C PRO A 327 5.54 -4.38 9.76
N THR A 328 5.82 -4.19 8.48
CA THR A 328 5.26 -5.06 7.44
C THR A 328 6.00 -6.40 7.42
N PRO A 329 5.31 -7.51 7.18
CA PRO A 329 5.99 -8.80 7.13
C PRO A 329 6.77 -8.96 5.84
N ARG A 330 7.88 -9.68 5.91
CA ARG A 330 8.71 -9.94 4.74
C ARG A 330 7.95 -10.83 3.75
N ILE A 331 7.98 -10.46 2.47
CA ILE A 331 7.40 -11.28 1.41
C ILE A 331 8.54 -11.97 0.65
N SER A 332 8.59 -13.29 0.75
CA SER A 332 9.60 -14.09 0.07
C SER A 332 9.03 -14.76 -1.17
N GLY A 333 9.93 -15.20 -2.05
CA GLY A 333 9.54 -15.93 -3.24
C GLY A 333 8.97 -15.07 -4.36
N LEU A 334 9.34 -13.80 -4.42
CA LEU A 334 8.79 -12.90 -5.41
C LEU A 334 9.61 -12.97 -6.68
N GLY A 335 8.96 -12.70 -7.80
CA GLY A 335 9.56 -12.80 -9.11
C GLY A 335 8.65 -12.21 -10.16
N THR A 336 8.79 -12.68 -11.40
CA THR A 336 7.98 -12.12 -12.47
C THR A 336 6.51 -12.43 -12.24
N ALA A 337 5.66 -11.49 -12.67
CA ALA A 337 4.26 -11.80 -12.86
C ALA A 337 4.10 -12.86 -13.95
N CYS A 338 3.02 -13.63 -13.88
CA CYS A 338 2.78 -14.63 -14.91
C CYS A 338 2.45 -13.93 -16.24
N ASP A 339 2.44 -14.71 -17.32
CA ASP A 339 2.29 -14.12 -18.64
C ASP A 339 0.93 -13.46 -18.82
N SER A 340 -0.13 -14.11 -18.35
CA SER A 340 -1.47 -13.48 -18.36
C SER A 340 -1.47 -12.13 -17.65
N ALA A 341 -0.83 -12.04 -16.48
CA ALA A 341 -0.81 -10.77 -15.76
C ALA A 341 -0.05 -9.72 -16.53
N LEU A 342 1.06 -10.13 -17.18
CA LEU A 342 1.85 -9.17 -17.93
C LEU A 342 1.12 -8.71 -19.19
N GLU A 343 0.35 -9.60 -19.81
CA GLU A 343 -0.51 -9.18 -20.93
C GLU A 343 -1.51 -8.10 -20.47
N SER A 344 -2.26 -8.39 -19.39
CA SER A 344 -3.20 -7.41 -18.83
C SER A 344 -2.49 -6.12 -18.45
N ILE A 345 -1.35 -6.24 -17.78
CA ILE A 345 -0.59 -5.07 -17.36
C ILE A 345 -0.14 -4.27 -18.57
N GLN A 346 0.39 -4.96 -19.59
CA GLN A 346 0.86 -4.32 -20.80
C GLN A 346 -0.29 -3.63 -21.52
N ASN A 347 -1.43 -4.31 -21.62
CA ASN A 347 -2.58 -3.76 -22.33
C ASN A 347 -3.08 -2.51 -21.63
N VAL A 348 -3.31 -2.57 -20.31
CA VAL A 348 -3.83 -1.40 -19.61
C VAL A 348 -2.85 -0.24 -19.70
N ARG A 349 -1.55 -0.52 -19.62
CA ARG A 349 -0.57 0.58 -19.70
C ARG A 349 -0.62 1.26 -21.05
N ASN A 350 -0.71 0.47 -22.12
CA ASN A 350 -0.74 1.01 -23.48
C ASN A 350 -1.95 1.91 -23.67
N VAL A 351 -3.15 1.43 -23.33
CA VAL A 351 -4.36 2.23 -23.57
C VAL A 351 -4.40 3.46 -22.66
N GLN A 352 -3.81 3.39 -21.47
CA GLN A 352 -3.79 4.54 -20.58
C GLN A 352 -2.67 5.51 -20.92
N SER A 353 -1.84 5.19 -21.92
CA SER A 353 -0.63 5.95 -22.16
C SER A 353 -0.92 7.32 -22.71
N SER A 354 -2.10 7.53 -23.28
CA SER A 354 -2.48 8.86 -23.72
C SER A 354 -2.87 9.78 -22.58
N TYR A 355 -3.12 9.23 -21.38
CA TYR A 355 -3.61 10.02 -20.26
C TYR A 355 -2.61 10.22 -19.14
N TRP A 356 -1.55 9.42 -19.07
CA TRP A 356 -0.72 9.42 -17.88
C TRP A 356 0.75 9.52 -18.25
N SER A 357 1.47 10.38 -17.52
CA SER A 357 2.86 10.70 -17.84
C SER A 357 3.76 9.46 -17.77
N SER A 358 3.65 8.67 -16.67
CA SER A 358 4.54 7.53 -16.47
C SER A 358 4.48 6.52 -17.61
N PHE A 359 3.33 6.40 -18.27
CA PHE A 359 3.19 5.48 -19.38
C PHE A 359 3.42 6.16 -20.73
N LYS A 360 3.50 7.51 -20.73
CA LYS A 360 3.41 8.28 -21.96
C LYS A 360 4.56 7.95 -22.92
N HIS A 361 5.63 7.34 -22.41
CA HIS A 361 6.85 7.20 -23.20
C HIS A 361 6.73 6.16 -24.31
N LEU A 362 5.85 5.17 -24.17
CA LEU A 362 5.70 4.24 -25.29
C LEU A 362 4.37 4.40 -26.02
N ALA A 363 3.90 5.63 -26.15
CA ALA A 363 3.02 6.03 -27.24
C ALA A 363 3.79 6.67 -28.39
N GLN A 364 5.11 6.79 -28.27
CA GLN A 364 5.93 7.46 -29.28
C GLN A 364 6.71 6.47 -30.16
N ILE A 400 -7.97 -24.19 -0.11
CA ILE A 400 -6.52 -24.22 0.01
C ILE A 400 -6.08 -24.25 1.49
N VAL A 401 -4.80 -24.54 1.71
CA VAL A 401 -4.15 -24.43 3.01
C VAL A 401 -2.87 -23.60 2.84
N TRP A 402 -2.59 -22.73 3.80
CA TRP A 402 -1.41 -21.87 3.75
C TRP A 402 -0.92 -21.66 5.18
N PRO A 403 0.38 -21.34 5.34
CA PRO A 403 0.90 -21.14 6.70
C PRO A 403 0.35 -19.88 7.34
N GLU A 404 0.14 -19.94 8.66
CA GLU A 404 -0.38 -18.80 9.38
C GLU A 404 0.62 -17.65 9.36
N PRO A 405 0.15 -16.41 9.17
CA PRO A 405 1.07 -15.26 9.23
C PRO A 405 1.72 -15.11 10.60
N LEU A 406 2.96 -14.62 10.59
CA LEU A 406 3.71 -14.35 11.82
C LEU A 406 3.03 -13.29 12.69
N LYS A 407 3.59 -13.03 13.87
CA LYS A 407 3.12 -11.94 14.72
C LYS A 407 3.82 -10.64 14.31
N ARG A 408 3.07 -9.52 14.39
CA ARG A 408 3.61 -8.23 13.96
C ARG A 408 3.59 -7.18 15.08
N MET A 409 4.34 -7.43 16.16
CA MET A 409 4.35 -6.47 17.26
C MET A 409 5.14 -5.21 16.86
N PRO A 410 4.62 -4.02 17.17
CA PRO A 410 5.45 -2.82 16.99
C PRO A 410 6.62 -2.80 17.98
N ALA A 411 7.76 -2.29 17.53
CA ALA A 411 8.96 -2.27 18.35
C ALA A 411 8.76 -1.35 19.56
N SER A 412 9.45 -1.67 20.67
CA SER A 412 9.32 -0.97 21.96
C SER A 412 9.34 0.54 21.78
N VAL A 413 10.48 1.08 21.35
CA VAL A 413 10.58 2.38 20.72
C VAL A 413 10.86 2.10 19.25
N ARG A 414 10.25 2.89 18.36
CA ARG A 414 10.35 2.59 16.94
C ARG A 414 11.68 3.06 16.34
N THR A 415 12.11 4.27 16.66
CA THR A 415 13.22 4.91 15.97
C THR A 415 14.23 5.48 16.96
N VAL A 416 15.49 5.17 16.76
CA VAL A 416 16.59 5.73 17.53
C VAL A 416 17.29 6.77 16.69
N VAL A 417 17.68 7.90 17.29
CA VAL A 417 18.34 8.99 16.58
C VAL A 417 19.66 9.31 17.25
N VAL A 418 20.68 9.61 16.43
CA VAL A 418 21.99 9.97 16.96
C VAL A 418 22.47 11.22 16.23
N PRO A 419 22.10 12.42 16.71
CA PRO A 419 22.59 13.66 16.09
C PRO A 419 24.02 13.91 16.50
N PRO A 420 24.70 14.93 15.94
CA PRO A 420 26.09 15.21 16.33
C PRO A 420 26.20 15.41 17.83
N PRO A 421 27.40 15.25 18.39
CA PRO A 421 27.56 15.37 19.85
C PRO A 421 27.08 16.73 20.35
N GLY A 422 26.16 16.70 21.32
CA GLY A 422 25.61 17.92 21.87
C GLY A 422 24.65 18.65 20.95
N VAL A 423 23.64 17.93 20.44
CA VAL A 423 22.55 18.52 19.68
C VAL A 423 21.26 17.89 20.17
N GLU A 424 20.50 18.62 21.00
CA GLU A 424 19.16 18.16 21.38
C GLU A 424 18.18 18.55 20.29
N LEU A 425 17.17 17.70 20.09
CA LEU A 425 16.16 17.92 19.06
C LEU A 425 14.81 17.47 19.57
N THR A 426 13.75 18.13 19.10
CA THR A 426 12.39 17.76 19.50
C THR A 426 12.01 16.49 18.75
N LEU A 427 11.89 15.37 19.48
CA LEU A 427 11.66 14.05 18.92
C LEU A 427 10.24 13.56 19.19
N PRO A 428 9.59 12.91 18.22
CA PRO A 428 8.28 12.30 18.47
C PRO A 428 8.33 11.30 19.62
N LYS A 429 7.14 10.94 20.11
CA LYS A 429 7.03 10.18 21.36
C LYS A 429 7.52 8.74 21.21
N ASN A 430 7.65 8.25 19.97
CA ASN A 430 8.14 6.89 19.73
C ASN A 430 9.58 6.90 19.19
N CYS A 431 10.34 7.92 19.54
CA CYS A 431 11.77 7.97 19.23
C CYS A 431 12.58 8.17 20.51
N GLN A 432 13.89 8.22 20.35
CA GLN A 432 14.80 8.14 21.47
C GLN A 432 16.22 8.37 20.96
N HIS A 433 17.06 8.95 21.82
CA HIS A 433 18.49 9.06 21.53
C HIS A 433 19.14 7.68 21.67
N SER A 434 20.44 7.62 21.37
CA SER A 434 21.22 6.38 21.40
C SER A 434 20.94 5.50 22.60
N ILE A 437 25.83 3.40 25.07
CA ILE A 437 27.01 2.89 24.35
C ILE A 437 27.83 2.00 25.29
N SER A 438 27.71 0.68 25.11
CA SER A 438 28.08 -0.26 26.16
C SER A 438 29.58 -0.57 26.17
N GLU A 439 29.99 -1.38 27.15
CA GLU A 439 31.40 -1.78 27.28
C GLU A 439 31.77 -2.82 26.24
N SER A 440 30.94 -3.87 26.10
CA SER A 440 31.17 -4.84 25.04
C SER A 440 31.21 -4.16 23.68
N THR A 441 30.22 -3.33 23.40
CA THR A 441 30.21 -2.55 22.16
C THR A 441 31.52 -1.81 21.96
N ALA A 442 31.99 -1.13 23.01
CA ALA A 442 33.22 -0.36 22.93
C ALA A 442 34.44 -1.25 22.73
N LYS A 443 34.43 -2.46 23.28
CA LYS A 443 35.49 -3.42 23.00
C LYS A 443 35.52 -3.80 21.53
N GLU A 444 34.34 -3.92 20.91
CA GLU A 444 34.28 -4.29 19.49
C GLU A 444 34.85 -3.19 18.59
N VAL A 445 34.56 -1.92 18.89
CA VAL A 445 35.11 -0.84 18.08
C VAL A 445 36.64 -0.85 18.13
N GLN A 446 37.20 -1.21 19.30
CA GLN A 446 38.65 -1.33 19.41
C GLN A 446 39.17 -2.45 18.50
N ARG A 447 38.49 -3.61 18.50
CA ARG A 447 38.92 -4.71 17.64
C ARG A 447 38.91 -4.30 16.17
N ILE A 448 37.85 -3.61 15.74
CA ILE A 448 37.73 -3.22 14.35
C ILE A 448 38.77 -2.18 13.95
N ARG A 449 39.14 -1.28 14.88
CA ARG A 449 40.21 -0.32 14.59
C ARG A 449 41.55 -1.02 14.52
N ASP A 450 41.83 -1.88 15.50
CA ASP A 450 43.05 -2.67 15.54
C ASP A 450 42.92 -3.87 14.61
N LYS A 451 42.55 -3.61 13.34
CA LYS A 451 42.54 -4.61 12.28
C LYS A 451 42.39 -3.93 10.92
N HIS A 452 41.44 -2.99 10.81
CA HIS A 452 41.07 -2.43 9.51
C HIS A 452 41.33 -0.93 9.37
N PHE A 453 41.53 -0.21 10.48
CA PHE A 453 41.85 1.20 10.45
C PHE A 453 42.90 1.42 11.54
N HIS A 454 44.12 0.93 11.28
CA HIS A 454 45.18 1.01 12.27
C HIS A 454 45.42 2.46 12.71
N ASP A 455 45.44 3.39 11.76
CA ASP A 455 45.92 4.74 11.99
C ASP A 455 44.83 5.75 12.33
N LEU A 456 43.61 5.30 12.65
CA LEU A 456 42.50 6.23 12.87
C LEU A 456 42.32 6.51 14.35
N THR A 457 42.22 7.80 14.68
CA THR A 457 41.94 8.25 16.04
C THR A 457 40.80 9.28 16.03
N GLN A 459 38.76 10.89 14.15
CA GLN A 459 38.32 11.84 15.18
C GLN A 459 37.40 11.15 16.19
N ASN A 460 36.27 11.80 16.50
CA ASN A 460 35.15 11.25 17.28
C ASN A 460 34.34 10.21 16.47
N ILE A 461 34.95 9.84 15.35
CA ILE A 461 34.43 8.78 14.49
C ILE A 461 34.23 7.49 15.29
N LEU A 462 35.17 7.17 16.19
CA LEU A 462 35.00 6.03 17.07
C LEU A 462 33.67 6.05 17.80
N ARG A 463 33.14 7.25 18.07
CA ARG A 463 31.83 7.34 18.71
C ARG A 463 30.73 6.95 17.73
N SER A 464 30.77 7.49 16.50
CA SER A 464 29.76 7.14 15.51
C SER A 464 29.76 5.63 15.26
N LEU A 465 30.96 5.02 15.20
CA LEU A 465 31.04 3.58 15.00
C LEU A 465 30.44 2.81 16.18
N GLY A 466 30.59 3.32 17.40
CA GLY A 466 29.94 2.67 18.53
C GLY A 466 28.44 2.85 18.52
N ASN A 467 27.96 3.94 17.90
CA ASN A 467 26.53 4.18 17.81
C ASN A 467 25.90 3.29 16.75
N ILE A 468 26.55 3.21 15.59
CA ILE A 468 26.13 2.29 14.53
C ILE A 468 25.96 0.87 15.07
N ILE A 469 26.97 0.37 15.79
CA ILE A 469 26.92 -0.99 16.27
C ILE A 469 25.82 -1.17 17.31
N SER A 470 25.68 -0.19 18.22
CA SER A 470 24.70 -0.37 19.28
C SER A 470 23.27 -0.20 18.75
N VAL A 471 23.08 0.65 17.75
CA VAL A 471 21.76 0.77 17.13
C VAL A 471 21.41 -0.50 16.37
N LEU A 472 22.35 -1.02 15.57
CA LEU A 472 22.10 -2.23 14.81
C LEU A 472 21.79 -3.41 15.73
N ASP A 473 22.49 -3.50 16.86
CA ASP A 473 22.25 -4.60 17.80
C ASP A 473 20.83 -4.54 18.35
N ARG A 474 20.31 -3.33 18.60
CA ARG A 474 18.94 -3.20 19.09
C ARG A 474 17.93 -3.49 17.98
N MET A 475 18.28 -3.18 16.73
CA MET A 475 17.40 -3.44 15.59
C MET A 475 17.31 -4.93 15.29
N MET A 476 18.45 -5.59 15.08
CA MET A 476 18.43 -6.96 14.58
C MET A 476 18.13 -7.97 15.67
N ARG A 477 18.93 -7.99 16.73
CA ARG A 477 18.80 -9.04 17.73
C ARG A 477 17.77 -8.71 18.81
N SER A 478 17.67 -7.44 19.21
CA SER A 478 16.94 -7.10 20.43
C SER A 478 15.42 -7.07 20.25
N ASP A 479 14.91 -6.90 19.03
CA ASP A 479 13.47 -6.78 18.79
C ASP A 479 12.89 -5.61 19.59
N GLU A 480 13.75 -4.75 20.12
CA GLU A 480 13.35 -3.61 20.94
C GLU A 480 13.03 -2.40 20.09
N VAL A 481 13.98 -1.97 19.25
CA VAL A 481 13.76 -0.84 18.35
C VAL A 481 13.60 -1.36 16.93
N CYS A 482 13.05 -0.52 16.06
CA CYS A 482 12.79 -0.94 14.70
C CYS A 482 13.83 -0.44 13.71
N ASN A 483 14.09 0.87 13.67
CA ASN A 483 15.03 1.46 12.73
C ASN A 483 15.74 2.62 13.43
N GLY A 484 16.59 3.32 12.69
CA GLY A 484 17.29 4.43 13.30
C GLY A 484 18.04 5.24 12.27
N CYS A 485 18.60 6.35 12.74
CA CYS A 485 19.37 7.26 11.90
C CYS A 485 20.55 7.80 12.70
N VAL A 486 21.74 7.77 12.11
CA VAL A 486 22.97 8.23 12.75
C VAL A 486 23.63 9.23 11.83
N VAL A 487 24.06 10.37 12.38
CA VAL A 487 24.85 11.37 11.63
C VAL A 487 26.33 11.03 11.78
N VAL A 488 27.06 11.03 10.66
CA VAL A 488 28.43 10.55 10.61
C VAL A 488 29.31 11.56 9.87
N SER A 489 30.61 11.47 10.14
CA SER A 489 31.61 12.33 9.51
C SER A 489 32.25 11.62 8.33
N ASP A 490 33.08 10.63 8.63
CA ASP A 490 33.73 9.83 7.61
C ASP A 490 32.75 8.79 7.06
N LEU A 491 32.59 8.77 5.75
CA LEU A 491 31.65 7.84 5.14
C LEU A 491 32.21 6.43 5.08
N SER A 492 33.44 6.26 4.60
CA SER A 492 33.95 4.94 4.31
C SER A 492 33.95 4.04 5.55
N VAL A 493 34.53 4.52 6.65
CA VAL A 493 34.67 3.69 7.85
C VAL A 493 33.30 3.34 8.44
N SER A 494 32.37 4.30 8.42
CA SER A 494 31.05 4.05 8.98
C SER A 494 30.23 3.12 8.08
N VAL A 495 30.25 3.35 6.76
CA VAL A 495 29.56 2.47 5.82
C VAL A 495 30.11 1.06 5.91
N GLN A 496 31.43 0.93 5.77
CA GLN A 496 32.09 -0.36 5.86
C GLN A 496 31.72 -1.07 7.15
N CYS A 497 31.77 -0.35 8.26
CA CYS A 497 31.55 -0.98 9.55
C CYS A 497 30.06 -1.26 9.78
N ALA A 498 29.18 -0.37 9.31
CA ALA A 498 27.75 -0.65 9.35
C ALA A 498 27.42 -1.91 8.54
N LEU A 499 27.85 -1.93 7.27
CA LEU A 499 27.56 -3.06 6.39
C LEU A 499 28.13 -4.36 6.95
N GLN A 500 29.43 -4.36 7.29
CA GLN A 500 30.06 -5.57 7.79
C GLN A 500 29.44 -6.02 9.11
N HIS A 501 29.12 -5.08 10.00
CA HIS A 501 28.54 -5.51 11.26
C HIS A 501 27.14 -6.06 11.05
N ALA A 502 26.41 -5.52 10.07
CA ALA A 502 25.06 -6.00 9.78
C ALA A 502 25.07 -7.43 9.25
N LEU A 503 26.05 -7.75 8.39
CA LEU A 503 26.10 -9.09 7.79
C LEU A 503 26.23 -10.18 8.84
N THR A 504 26.94 -9.92 9.94
CA THR A 504 27.17 -10.91 10.97
C THR A 504 26.14 -10.87 12.11
N GLU A 505 25.10 -10.03 11.98
CA GLU A 505 24.07 -9.97 13.02
C GLU A 505 23.39 -11.31 13.33
N PRO A 506 23.14 -12.23 12.36
CA PRO A 506 23.34 -12.19 10.89
C PRO A 506 22.23 -11.47 10.13
N ALA A 507 22.59 -10.88 8.97
CA ALA A 507 21.63 -10.36 8.00
C ALA A 507 21.92 -11.07 6.68
N GLU A 508 21.08 -12.04 6.33
CA GLU A 508 21.25 -12.80 5.09
C GLU A 508 21.54 -11.87 3.92
N ARG A 509 20.76 -10.80 3.79
CA ARG A 509 20.80 -9.90 2.65
C ARG A 509 20.62 -8.47 3.15
N VAL A 510 21.34 -7.55 2.53
CA VAL A 510 21.33 -6.15 2.91
C VAL A 510 21.13 -5.35 1.64
N LEU A 511 20.08 -4.53 1.60
CA LEU A 511 19.85 -3.59 0.52
C LEU A 511 20.46 -2.25 0.90
N VAL A 512 21.24 -1.67 -0.01
CA VAL A 512 21.90 -0.39 0.25
C VAL A 512 21.36 0.63 -0.73
N VAL A 513 20.89 1.78 -0.20
CA VAL A 513 20.38 2.89 -1.00
C VAL A 513 21.25 4.10 -0.70
N TYR A 514 22.02 4.55 -1.68
CA TYR A 514 23.06 5.55 -1.48
C TYR A 514 22.80 6.73 -2.41
N VAL A 515 22.74 7.93 -1.83
CA VAL A 515 22.63 9.18 -2.59
C VAL A 515 23.98 9.86 -2.51
N GLY A 516 24.68 9.88 -3.63
CA GLY A 516 26.04 10.41 -3.69
C GLY A 516 26.75 9.90 -4.93
N ASP A 517 27.73 10.66 -5.42
CA ASP A 517 28.36 10.33 -6.70
C ASP A 517 29.71 9.64 -6.51
N GLY A 518 30.09 9.28 -5.28
CA GLY A 518 31.31 8.55 -5.05
C GLY A 518 31.20 7.07 -5.37
N GLU A 519 32.20 6.32 -4.93
CA GLU A 519 32.19 4.86 -4.95
C GLU A 519 32.42 4.36 -3.53
N LEU A 520 31.62 3.39 -3.10
CA LEU A 520 31.56 3.01 -1.69
C LEU A 520 32.23 1.68 -1.41
N PRO A 521 32.65 1.44 -0.17
CA PRO A 521 33.23 0.14 0.19
C PRO A 521 32.16 -0.95 0.31
N VAL A 522 31.47 -1.22 -0.79
CA VAL A 522 30.37 -2.18 -0.84
C VAL A 522 30.68 -3.22 -1.91
N LYS A 523 30.79 -4.49 -1.52
CA LYS A 523 31.01 -5.60 -2.44
C LYS A 523 29.66 -6.20 -2.85
N THR A 524 29.33 -6.10 -4.15
CA THR A 524 28.07 -6.63 -4.67
C THR A 524 28.30 -7.89 -5.49
N ASN A 525 29.12 -8.82 -4.96
CA ASN A 525 29.60 -9.95 -5.73
C ASN A 525 29.18 -11.32 -5.19
N ASP A 526 28.66 -11.41 -3.97
CA ASP A 526 28.26 -12.70 -3.42
C ASP A 526 26.75 -12.91 -3.39
N GLY A 527 25.97 -11.93 -3.85
CA GLY A 527 24.53 -12.02 -3.76
C GLY A 527 23.95 -11.67 -2.40
N LYS A 528 24.77 -11.18 -1.47
CA LYS A 528 24.27 -10.78 -0.16
C LYS A 528 23.95 -9.31 -0.08
N VAL A 529 24.31 -8.53 -1.09
CA VAL A 529 24.10 -7.09 -1.09
C VAL A 529 23.58 -6.70 -2.46
N PHE A 530 22.58 -5.83 -2.49
CA PHE A 530 22.19 -5.13 -3.70
C PHE A 530 22.33 -3.62 -3.45
N LEU A 531 22.97 -2.93 -4.39
CA LEU A 531 23.25 -1.50 -4.23
C LEU A 531 22.40 -0.67 -5.17
N VAL A 532 21.66 0.28 -4.61
CA VAL A 532 21.01 1.32 -5.40
C VAL A 532 21.77 2.63 -5.18
N GLN A 533 22.22 3.26 -6.26
CA GLN A 533 22.94 4.52 -6.15
C GLN A 533 22.21 5.58 -6.95
N ILE A 534 21.85 6.67 -6.28
CA ILE A 534 21.28 7.86 -6.92
C ILE A 534 22.41 8.86 -6.99
N CYS A 535 22.97 9.06 -8.17
CA CYS A 535 24.19 9.85 -8.30
C CYS A 535 24.00 10.95 -9.33
N THR A 536 25.08 11.68 -9.55
CA THR A 536 25.19 12.73 -10.56
C THR A 536 26.09 12.34 -11.73
N LYS A 537 27.21 11.66 -11.45
CA LYS A 537 28.06 11.13 -12.51
C LYS A 537 27.32 10.10 -13.35
N GLU A 538 27.89 9.80 -14.53
CA GLU A 538 27.13 9.12 -15.59
C GLU A 538 27.05 7.60 -15.41
N THR A 539 28.05 6.97 -14.80
CA THR A 539 28.01 5.52 -14.61
C THR A 539 28.97 5.08 -13.50
N ASP A 541 27.34 0.88 -14.82
CA ASP A 541 27.33 -0.39 -14.09
C ASP A 541 27.24 -1.58 -15.04
N LYS A 542 27.85 -2.70 -14.66
CA LYS A 542 27.97 -3.83 -15.58
C LYS A 542 27.55 -5.17 -14.96
N CYS A 543 26.88 -5.17 -13.80
CA CYS A 543 26.36 -6.41 -13.24
C CYS A 543 24.99 -6.14 -12.64
N VAL A 544 24.27 -7.22 -12.36
CA VAL A 544 22.85 -7.13 -12.04
C VAL A 544 22.61 -7.03 -10.54
N ASN A 545 23.64 -6.72 -9.75
CA ASN A 545 23.43 -6.48 -8.33
C ASN A 545 23.62 -5.01 -7.97
N ARG A 546 23.60 -4.13 -8.97
CA ARG A 546 23.74 -2.70 -8.76
C ARG A 546 22.76 -2.03 -9.71
N LEU A 547 22.00 -1.07 -9.19
CA LEU A 547 21.17 -0.19 -10.00
C LEU A 547 21.66 1.23 -9.80
N THR A 548 22.13 1.85 -10.88
CA THR A 548 22.72 3.19 -10.83
C THR A 548 21.82 4.15 -11.58
N LEU A 549 21.38 5.20 -10.89
CA LEU A 549 20.40 6.14 -11.42
C LEU A 549 21.03 7.52 -11.49
N CYS A 550 21.28 8.00 -12.71
CA CYS A 550 21.89 9.30 -12.96
C CYS A 550 20.80 10.20 -13.51
N LEU A 551 20.17 10.97 -12.64
CA LEU A 551 19.06 11.81 -13.02
C LEU A 551 19.55 13.21 -13.39
N ARG A 552 19.10 13.70 -14.54
CA ARG A 552 19.44 15.05 -14.99
C ARG A 552 19.00 16.07 -13.94
N GLU A 553 19.91 17.00 -13.62
CA GLU A 553 19.62 18.06 -12.67
C GLU A 553 18.65 19.07 -13.27
N GLY A 554 17.67 19.49 -12.48
CA GLY A 554 16.62 20.36 -12.96
C GLY A 554 15.36 20.19 -12.15
N GLU A 555 14.33 20.94 -12.57
CA GLU A 555 13.03 20.92 -11.89
C GLU A 555 12.33 19.58 -12.03
N SER A 556 12.67 18.79 -13.05
CA SER A 556 12.10 17.47 -13.29
C SER A 556 12.70 16.38 -12.40
N LEU A 557 13.67 16.74 -11.54
CA LEU A 557 14.36 15.72 -10.75
C LEU A 557 13.40 14.96 -9.85
N THR A 558 12.31 15.59 -9.43
CA THR A 558 11.44 14.92 -8.48
C THR A 558 10.52 13.91 -9.14
N ALA A 559 9.95 14.25 -10.30
CA ALA A 559 9.10 13.30 -11.02
C ALA A 559 9.91 12.09 -11.47
N GLY A 560 11.13 12.33 -11.96
CA GLY A 560 11.97 11.22 -12.39
C GLY A 560 12.34 10.30 -11.25
N PHE A 561 12.64 10.87 -10.09
CA PHE A 561 12.93 10.06 -8.91
C PHE A 561 11.73 9.18 -8.54
N MET A 562 10.52 9.75 -8.51
CA MET A 562 9.35 8.95 -8.14
C MET A 562 9.07 7.86 -9.19
N GLN A 563 9.27 8.18 -10.46
CA GLN A 563 9.16 7.17 -11.51
C GLN A 563 10.13 6.00 -11.25
N ALA A 564 11.38 6.31 -10.93
CA ALA A 564 12.37 5.27 -10.67
C ALA A 564 12.06 4.52 -9.38
N LEU A 565 11.59 5.24 -8.36
CA LEU A 565 11.27 4.60 -7.09
C LEU A 565 10.21 3.53 -7.26
N LEU A 566 9.10 3.87 -7.90
CA LEU A 566 7.99 2.93 -8.01
C LEU A 566 8.23 1.85 -9.07
N GLY A 567 8.90 2.17 -10.17
CA GLY A 567 9.05 1.23 -11.27
C GLY A 567 10.38 0.49 -11.38
N LEU A 568 11.37 0.86 -10.57
CA LEU A 568 12.65 0.15 -10.60
C LEU A 568 13.11 -0.20 -9.19
N ILE A 569 13.18 0.79 -8.31
CA ILE A 569 13.76 0.54 -6.99
C ILE A 569 12.90 -0.41 -6.19
N LEU A 570 11.60 -0.10 -6.07
CA LEU A 570 10.73 -0.97 -5.29
C LEU A 570 10.63 -2.38 -5.86
N PRO A 571 10.39 -2.60 -7.17
CA PRO A 571 10.34 -3.98 -7.67
C PRO A 571 11.61 -4.77 -7.40
N VAL A 572 12.79 -4.19 -7.60
CA VAL A 572 13.99 -4.95 -7.31
C VAL A 572 14.08 -5.23 -5.80
N ALA A 573 13.88 -4.19 -4.98
CA ALA A 573 14.00 -4.35 -3.54
C ALA A 573 13.07 -5.44 -3.01
N TYR A 574 11.82 -5.45 -3.49
CA TYR A 574 10.88 -6.46 -3.03
C TYR A 574 11.33 -7.87 -3.40
N GLU A 575 11.84 -8.05 -4.61
CA GLU A 575 12.32 -9.37 -5.00
C GLU A 575 13.55 -9.77 -4.18
N PHE A 576 14.50 -8.85 -4.01
CA PHE A 576 15.69 -9.14 -3.21
C PHE A 576 15.31 -9.63 -1.82
N ASN A 577 14.27 -9.02 -1.23
CA ASN A 577 13.79 -9.34 0.11
C ASN A 577 14.92 -9.23 1.13
N PRO A 578 15.46 -8.03 1.35
CA PRO A 578 16.60 -7.90 2.27
C PRO A 578 16.15 -8.11 3.72
N ALA A 579 17.15 -8.38 4.56
CA ALA A 579 16.92 -8.43 6.01
C ALA A 579 17.21 -7.08 6.67
N LEU A 580 17.85 -6.16 5.97
CA LEU A 580 18.13 -4.83 6.48
C LEU A 580 18.33 -3.89 5.30
N VAL A 581 17.90 -2.65 5.47
CA VAL A 581 18.09 -1.59 4.49
C VAL A 581 19.10 -0.61 5.07
N LEU A 582 20.11 -0.26 4.29
CA LEU A 582 21.12 0.70 4.70
C LEU A 582 21.01 1.92 3.80
N GLY A 583 20.50 3.01 4.35
CA GLY A 583 20.43 4.28 3.63
C GLY A 583 21.67 5.12 3.92
N ILE A 584 22.16 5.80 2.88
CA ILE A 584 23.39 6.59 2.95
C ILE A 584 23.18 7.85 2.14
N VAL A 585 23.46 9.01 2.74
CA VAL A 585 23.37 10.29 2.05
C VAL A 585 24.66 11.07 2.30
N GLU A 586 25.40 11.35 1.22
CA GLU A 586 26.59 12.16 1.32
C GLU A 586 26.23 13.64 1.35
N GLU A 587 27.13 14.45 1.92
CA GLU A 587 26.81 15.85 2.18
C GLU A 587 26.54 16.64 0.90
N THR A 588 27.15 16.25 -0.21
CA THR A 588 26.86 16.89 -1.50
C THR A 588 25.42 16.61 -1.97
N LEU A 594 18.40 18.44 -3.27
CA LEU A 594 17.22 18.28 -4.12
C LEU A 594 16.39 17.07 -3.69
N MET A 595 16.15 16.96 -2.38
CA MET A 595 15.54 15.77 -1.80
C MET A 595 14.24 16.03 -1.06
N ARG A 596 13.32 16.77 -1.68
CA ARG A 596 11.91 16.77 -1.29
C ARG A 596 11.26 15.39 -1.47
N VAL A 597 12.04 14.40 -1.90
CA VAL A 597 11.56 13.07 -2.23
C VAL A 597 11.91 12.04 -1.15
N TRP A 598 12.83 12.40 -0.24
CA TRP A 598 13.42 11.43 0.67
C TRP A 598 12.38 10.83 1.61
N GLY A 599 11.40 11.63 2.03
CA GLY A 599 10.40 11.13 2.96
C GLY A 599 9.58 9.99 2.37
N HIS A 600 9.21 10.12 1.10
CA HIS A 600 8.45 9.07 0.43
C HIS A 600 9.26 7.76 0.35
N MET A 601 10.54 7.87 -0.05
CA MET A 601 11.35 6.67 -0.13
C MET A 601 11.52 6.03 1.24
N THR A 602 11.87 6.81 2.25
CA THR A 602 12.00 6.24 3.59
C THR A 602 10.72 5.51 3.97
N CYS A 603 9.57 6.07 3.63
CA CYS A 603 8.31 5.44 4.01
C CYS A 603 8.06 4.16 3.21
N LEU A 604 8.19 4.22 1.88
CA LEU A 604 7.94 3.05 1.04
C LEU A 604 8.98 1.95 1.26
N ILE A 605 10.24 2.32 1.50
CA ILE A 605 11.29 1.31 1.65
C ILE A 605 11.19 0.54 2.97
N GLN A 606 10.36 1.00 3.90
CA GLN A 606 10.10 0.24 5.12
C GLN A 606 9.17 -0.94 4.90
N GLY A 607 8.65 -1.11 3.67
CA GLY A 607 7.96 -2.35 3.33
C GLY A 607 8.89 -3.54 3.27
N LEU A 608 10.20 -3.30 3.15
CA LEU A 608 11.21 -4.34 3.15
C LEU A 608 11.82 -4.53 4.55
N ALA A 609 12.35 -5.73 4.78
CA ALA A 609 13.18 -6.03 5.94
C ALA A 609 12.45 -5.80 7.25
N ARG A 610 11.13 -5.96 7.25
CA ARG A 610 10.29 -5.67 8.42
C ARG A 610 10.50 -4.24 8.91
N GLY A 611 10.82 -3.32 8.01
CA GLY A 611 11.02 -1.94 8.41
C GLY A 611 12.35 -1.67 9.07
N ARG A 612 13.27 -2.63 9.06
CA ARG A 612 14.57 -2.43 9.72
C ARG A 612 15.49 -1.70 8.77
N MET A 613 15.50 -0.37 8.88
CA MET A 613 16.34 0.50 8.06
C MET A 613 17.25 1.35 8.94
N LEU A 614 18.54 1.38 8.62
CA LEU A 614 19.50 2.28 9.24
C LEU A 614 19.98 3.29 8.21
N THR A 615 19.86 4.58 8.53
CA THR A 615 20.25 5.65 7.64
C THR A 615 21.47 6.38 8.18
N LEU A 616 22.52 6.47 7.37
CA LEU A 616 23.69 7.27 7.67
C LEU A 616 23.59 8.58 6.88
N LEU A 617 23.45 9.68 7.60
CA LEU A 617 23.54 11.01 7.01
C LEU A 617 24.92 11.57 7.29
N GLN A 618 25.64 11.93 6.23
CA GLN A 618 26.97 12.53 6.34
C GLN A 618 26.82 14.04 6.48
N GLY A 619 27.32 14.57 7.61
CA GLY A 619 27.17 15.98 7.90
C GLY A 619 25.82 16.29 8.53
N TYR A 620 25.75 17.35 9.33
CA TYR A 620 24.50 17.71 9.97
C TYR A 620 23.65 18.58 9.05
N ASP A 621 22.36 18.25 8.98
CA ASP A 621 21.38 19.07 8.28
C ASP A 621 20.09 18.93 9.07
N LYS A 622 19.69 20.01 9.75
CA LYS A 622 18.54 19.92 10.65
C LYS A 622 17.29 19.43 9.92
N ASP A 623 17.03 19.99 8.74
CA ASP A 623 15.81 19.63 8.00
C ASP A 623 15.83 18.16 7.58
N LEU A 624 16.89 17.74 6.90
CA LEU A 624 16.98 16.36 6.41
C LEU A 624 16.96 15.37 7.56
N LEU A 625 17.64 15.69 8.66
CA LEU A 625 17.60 14.80 9.81
C LEU A 625 16.19 14.72 10.40
N GLU A 626 15.45 15.83 10.38
CA GLU A 626 14.12 15.80 10.95
C GLU A 626 13.17 15.03 10.05
N LEU A 627 13.30 15.19 8.73
CA LEU A 627 12.43 14.47 7.80
C LEU A 627 12.70 12.97 7.84
N THR A 628 13.99 12.60 7.81
CA THR A 628 14.37 11.20 7.98
C THR A 628 13.75 10.60 9.24
N VAL A 629 13.97 11.24 10.39
CA VAL A 629 13.42 10.71 11.65
C VAL A 629 11.90 10.64 11.58
N SER A 630 11.27 11.65 11.01
CA SER A 630 9.81 11.68 10.99
C SER A 630 9.24 10.54 10.15
N ALA A 631 9.80 10.34 8.95
CA ALA A 631 9.36 9.23 8.11
C ALA A 631 9.71 7.89 8.75
N LEU A 632 10.90 7.80 9.36
CA LEU A 632 11.28 6.55 10.02
C LEU A 632 10.32 6.18 11.14
N SER A 633 9.78 7.18 11.84
CA SER A 633 8.96 6.93 13.03
C SER A 633 7.51 6.62 12.70
N GLY A 634 7.16 6.66 11.42
CA GLY A 634 5.81 6.34 11.00
C GLY A 634 4.90 7.53 10.88
N ALA A 635 5.44 8.74 10.98
CA ALA A 635 4.63 9.93 10.78
C ALA A 635 4.11 9.97 9.34
N SER A 636 3.04 10.74 9.15
CA SER A 636 2.49 10.92 7.82
C SER A 636 3.43 11.78 6.97
N ILE A 637 3.34 11.59 5.65
CA ILE A 637 4.26 12.20 4.69
C ILE A 637 3.52 13.33 3.98
N SER A 638 4.18 14.48 3.81
CA SER A 638 3.50 15.57 3.12
C SER A 638 3.42 15.29 1.62
N PRO A 639 2.28 15.59 1.00
CA PRO A 639 2.11 15.24 -0.42
C PRO A 639 3.12 15.96 -1.28
N LEU A 640 3.42 15.36 -2.43
CA LEU A 640 4.34 16.03 -3.35
C LEU A 640 3.63 17.07 -4.20
N GLY A 641 2.33 16.89 -4.44
CA GLY A 641 1.62 17.69 -5.39
C GLY A 641 2.17 17.45 -6.78
N PRO A 642 2.16 18.51 -7.62
CA PRO A 642 2.59 18.46 -9.02
C PRO A 642 4.11 18.62 -9.21
N ARG A 644 5.39 18.16 -12.37
CA ARG A 644 6.26 18.55 -13.48
C ARG A 644 6.96 17.33 -14.13
N ALA A 645 6.38 16.84 -15.24
CA ALA A 645 6.73 15.63 -16.00
C ALA A 645 8.23 15.40 -16.12
N PRO A 646 8.66 14.14 -16.23
CA PRO A 646 10.09 13.83 -16.22
C PRO A 646 10.74 13.90 -17.61
N LYS A 647 12.01 14.29 -17.60
CA LYS A 647 12.79 14.41 -18.82
C LYS A 647 12.84 13.06 -19.57
N PRO A 648 12.67 13.06 -20.90
CA PRO A 648 12.81 11.80 -21.63
C PRO A 648 14.21 11.21 -21.57
N GLU A 649 15.23 12.03 -21.37
CA GLU A 649 16.56 11.49 -21.05
C GLU A 649 16.49 10.60 -19.82
N ASP A 650 15.75 11.04 -18.79
CA ASP A 650 15.60 10.22 -17.58
C ASP A 650 14.75 8.99 -17.84
N VAL A 651 13.66 9.15 -18.59
CA VAL A 651 12.80 8.01 -18.90
C VAL A 651 13.56 6.99 -19.72
N GLU A 652 14.30 7.44 -20.73
CA GLU A 652 15.13 6.53 -21.52
C GLU A 652 16.19 5.86 -20.66
N MET A 653 16.86 6.63 -19.78
CA MET A 653 17.85 6.07 -18.87
C MET A 653 17.25 4.98 -17.99
N MET A 654 16.04 5.20 -17.50
CA MET A 654 15.40 4.24 -16.61
C MET A 654 14.98 2.99 -17.36
N GLU A 655 14.48 3.15 -18.59
CA GLU A 655 14.06 1.96 -19.36
C GLU A 655 15.25 1.13 -19.80
N LYS A 656 16.41 1.75 -20.05
CA LYS A 656 17.61 0.96 -20.25
C LYS A 656 17.96 0.15 -19.00
N GLN A 657 17.72 0.73 -17.81
CA GLN A 657 17.99 -0.03 -16.59
C GLN A 657 17.05 -1.22 -16.47
N ARG A 658 15.78 -1.04 -16.82
CA ARG A 658 14.84 -2.15 -16.76
C ARG A 658 15.24 -3.23 -17.77
N GLN A 659 15.57 -2.84 -19.00
CA GLN A 659 16.01 -3.82 -20.00
C GLN A 659 17.20 -4.62 -19.48
N ARG A 660 18.12 -3.94 -18.81
CA ARG A 660 19.37 -4.58 -18.37
C ARG A 660 19.14 -5.50 -17.18
N LEU A 661 18.16 -5.19 -16.31
CA LEU A 661 17.98 -5.90 -15.04
C LEU A 661 16.82 -6.90 -15.02
N GLN A 662 15.84 -6.76 -15.91
CA GLN A 662 14.59 -7.50 -15.72
C GLN A 662 14.71 -8.99 -15.99
N GLU A 663 15.74 -9.46 -16.69
CA GLU A 663 15.87 -10.90 -16.86
C GLU A 663 16.27 -11.59 -15.57
N ARG A 664 17.06 -10.90 -14.74
CA ARG A 664 17.45 -11.39 -13.42
C ARG A 664 16.38 -11.07 -12.37
N TRP A 665 15.79 -9.89 -12.43
CA TRP A 665 14.80 -9.43 -11.45
C TRP A 665 13.45 -9.31 -12.16
N GLY A 666 12.71 -10.42 -12.24
CA GLY A 666 11.51 -10.47 -13.05
C GLY A 666 10.39 -9.55 -12.60
N LEU A 667 10.37 -9.16 -11.32
CA LEU A 667 9.33 -8.26 -10.85
C LEU A 667 9.41 -6.89 -11.51
N LEU A 668 10.47 -6.63 -12.27
CA LEU A 668 10.60 -5.40 -13.03
C LEU A 668 9.78 -5.38 -14.31
N ARG A 669 9.33 -6.56 -14.78
CA ARG A 669 8.71 -6.66 -16.10
C ARG A 669 7.33 -6.02 -16.09
N CYS A 670 7.02 -5.29 -17.16
CA CYS A 670 5.66 -4.80 -17.36
C CYS A 670 5.17 -5.05 -18.79
N THR A 671 5.83 -5.97 -19.49
CA THR A 671 5.41 -6.47 -20.80
C THR A 671 5.64 -7.96 -20.81
N VAL A 672 4.97 -8.67 -21.70
CA VAL A 672 5.21 -10.11 -21.80
C VAL A 672 6.58 -10.33 -22.43
N SER A 673 7.29 -11.33 -21.93
CA SER A 673 8.62 -11.65 -22.43
C SER A 673 8.58 -12.11 -23.90
N GLU A 674 9.48 -11.55 -24.71
CA GLU A 674 9.64 -12.03 -26.09
C GLU A 674 10.24 -13.44 -26.06
N SER A 675 9.53 -14.40 -26.64
CA SER A 675 9.99 -15.78 -26.67
C SER A 675 10.78 -16.06 -27.94
N TRP A 676 11.92 -16.73 -27.78
CA TRP A 676 12.85 -16.97 -28.90
C TRP A 676 12.23 -17.83 -30.00
C10 TWV B . -21.89 -16.31 -6.51
C13 TWV B . -19.94 -19.30 -7.18
C15 TWV B . -17.92 -20.72 -6.82
C17 TWV B . -22.00 -17.20 -8.60
C20 TWV B . -22.71 -15.99 -11.09
C21 TWV B . -22.37 -17.36 -11.02
C22 TWV B . -22.03 -17.93 -9.80
C24 TWV B . -20.73 -10.82 -5.59
C03 TWV B . -18.51 -10.39 -4.36
C04 TWV B . -19.58 -11.29 -4.99
C05 TWV B . -19.37 -12.69 -5.07
C06 TWV B . -20.32 -13.54 -5.69
C07 TWV B . -21.50 -13.03 -6.29
C08 TWV B . -22.59 -13.86 -6.96
C11 TWV B . -21.71 -17.49 -7.20
C12 TWV B . -21.29 -18.81 -6.62
C16 TWV B . -20.07 -21.38 -5.82
C18 TWV B . -22.37 -15.80 -8.70
C19 TWV B . -22.72 -15.22 -9.93
C23 TWV B . -21.66 -11.65 -6.20
N02 TWV B . -18.52 -8.99 -4.79
N09 TWV B . -22.28 -15.24 -7.38
N14 TWV B . -19.20 -20.20 -6.20
O01 TWV B . -17.55 -8.17 -4.28
O25 TWV B . -17.63 -10.77 -3.65
ZN ZN C . -15.98 -9.65 -4.48
P PO4 D . -9.08 -9.29 -22.65
O1 PO4 D . -7.65 -9.56 -23.10
O2 PO4 D . -8.97 -8.78 -21.22
O3 PO4 D . -9.91 -10.55 -22.72
O4 PO4 D . -9.68 -8.23 -23.51
P PO4 E . -4.44 -15.13 -21.51
O1 PO4 E . -3.18 -15.87 -21.08
O2 PO4 E . -4.27 -14.55 -22.88
O3 PO4 E . -5.62 -16.06 -21.50
O4 PO4 E . -4.64 -14.01 -20.52
P PO4 F . -0.33 -10.54 16.35
O1 PO4 F . -0.40 -11.65 17.38
O2 PO4 F . -0.84 -11.05 15.01
O3 PO4 F . 1.08 -10.04 16.18
O4 PO4 F . -1.19 -9.38 16.83
K K G . -12.02 -5.01 -7.78
K K H . -13.66 8.27 -12.73
#